data_2J41
#
_entry.id   2J41
#
_cell.length_a   70.012
_cell.length_b   93.986
_cell.length_c   83.936
_cell.angle_alpha   90.00
_cell.angle_beta   110.59
_cell.angle_gamma   90.00
#
_symmetry.space_group_name_H-M   'P 1 21 1'
#
loop_
_entity.id
_entity.type
_entity.pdbx_description
1 polymer 'GUANYLATE KINASE'
2 non-polymer 'SULFATE ION'
3 non-polymer 'POTASSIUM ION'
4 non-polymer "GUANOSINE-5'-MONOPHOSPHATE"
5 water water
#
_entity_poly.entity_id   1
_entity_poly.type   'polypeptide(L)'
_entity_poly.pdbx_seq_one_letter_code
;MDNEKGLLIVLSGPSGVGKGTVRKRIFEDPSTSYKYSISMTTRQMREGEVDGVDYFFKTRDAFEALIKDDQFIEYAEYVG
NYYGTPVQYVKDTMDEGHDVFLEIEVEGAKQVRKKFPDALFIFLAPPSLEHLRERLVGRGTESDEKIQSRINEARKEVEM
MNLYDYVVVNDEVELAKNRIQCIVEAEHLKRERVEAKYRKMILEAKK
;
_entity_poly.pdbx_strand_id   A,B,C,D
#
# COMPACT_ATOMS: atom_id res chain seq x y z
N GLU A 4 -12.70 -9.45 21.78
CA GLU A 4 -11.60 -8.96 22.67
C GLU A 4 -11.65 -7.45 22.79
N LYS A 5 -11.04 -6.92 23.86
CA LYS A 5 -10.96 -5.47 24.08
C LYS A 5 -10.25 -4.76 22.93
N GLY A 6 -10.76 -3.56 22.59
CA GLY A 6 -10.06 -2.69 21.66
C GLY A 6 -8.78 -2.17 22.28
N LEU A 7 -7.89 -1.64 21.45
CA LEU A 7 -6.66 -1.01 21.93
C LEU A 7 -6.94 0.42 22.39
N LEU A 8 -6.17 0.91 23.35
CA LEU A 8 -6.05 2.35 23.59
C LEU A 8 -4.78 2.89 22.94
N ILE A 9 -4.97 3.80 21.99
CA ILE A 9 -3.87 4.43 21.24
C ILE A 9 -3.77 5.89 21.65
N VAL A 10 -2.59 6.26 22.12
CA VAL A 10 -2.36 7.57 22.72
C VAL A 10 -1.32 8.31 21.90
N LEU A 11 -1.74 9.37 21.23
CA LEU A 11 -0.84 10.18 20.43
C LEU A 11 -0.55 11.50 21.13
N SER A 12 0.72 11.84 21.22
CA SER A 12 1.11 13.17 21.73
C SER A 12 2.36 13.65 20.98
N GLY A 13 2.95 14.73 21.47
CA GLY A 13 4.05 15.39 20.81
C GLY A 13 4.09 16.85 21.26
N PRO A 14 5.20 17.54 20.96
CA PRO A 14 5.28 18.95 21.39
C PRO A 14 4.16 19.76 20.77
N SER A 15 3.73 20.84 21.42
CA SER A 15 2.73 21.73 20.84
C SER A 15 3.20 22.20 19.45
N GLY A 16 2.30 22.21 18.48
CA GLY A 16 2.65 22.65 17.13
C GLY A 16 3.36 21.64 16.24
N VAL A 17 3.50 20.41 16.72
CA VAL A 17 4.14 19.34 15.91
C VAL A 17 3.21 18.81 14.82
N GLY A 18 1.91 19.03 15.01
CA GLY A 18 0.91 18.63 14.01
C GLY A 18 0.15 17.38 14.37
N LYS A 19 -0.02 17.13 15.67
CA LYS A 19 -0.76 15.93 16.11
C LYS A 19 -2.23 15.94 15.70
N GLY A 20 -2.85 17.13 15.71
CA GLY A 20 -4.22 17.26 15.26
C GLY A 20 -4.38 16.90 13.79
N THR A 21 -3.48 17.40 12.95
CA THR A 21 -3.51 17.15 11.50
C THR A 21 -3.29 15.66 11.18
N VAL A 22 -2.34 15.05 11.88
CA VAL A 22 -2.07 13.62 11.74
C VAL A 22 -3.26 12.78 12.23
N ARG A 23 -3.83 13.14 13.37
CA ARG A 23 -5.02 12.44 13.87
C ARG A 23 -6.17 12.51 12.88
N LYS A 24 -6.39 13.69 12.29
CA LYS A 24 -7.45 13.86 11.29
C LYS A 24 -7.25 12.94 10.10
N ARG A 25 -6.03 12.90 9.55
CA ARG A 25 -5.69 11.99 8.46
C ARG A 25 -5.93 10.51 8.83
N ILE A 26 -5.49 10.14 10.02
CA ILE A 26 -5.71 8.78 10.54
C ILE A 26 -7.20 8.41 10.52
N PHE A 27 -8.04 9.31 11.04
CA PHE A 27 -9.50 9.07 11.11
C PHE A 27 -10.18 9.13 9.74
N GLU A 28 -9.50 9.74 8.77
CA GLU A 28 -9.99 9.75 7.38
C GLU A 28 -9.76 8.42 6.65
N ASP A 29 -8.77 7.65 7.13
CA ASP A 29 -8.36 6.38 6.51
C ASP A 29 -9.45 5.31 6.62
N PRO A 30 -10.02 4.87 5.47
CA PRO A 30 -11.11 3.89 5.50
C PRO A 30 -10.67 2.45 5.83
N SER A 31 -9.37 2.18 5.79
CA SER A 31 -8.84 0.85 6.12
C SER A 31 -9.05 0.51 7.60
N THR A 32 -9.17 1.53 8.44
CA THR A 32 -9.31 1.32 9.88
C THR A 32 -10.53 2.03 10.45
N SER A 33 -10.87 1.66 11.68
CA SER A 33 -12.03 2.20 12.36
C SER A 33 -11.58 2.52 13.78
N TYR A 34 -11.52 3.81 14.10
CA TYR A 34 -11.16 4.26 15.45
C TYR A 34 -12.29 5.05 16.08
N LYS A 35 -12.35 5.00 17.40
CA LYS A 35 -13.27 5.87 18.14
C LYS A 35 -12.49 7.02 18.79
N TYR A 36 -13.09 8.20 18.80
CA TYR A 36 -12.48 9.39 19.43
CA TYR A 36 -12.48 9.37 19.44
C TYR A 36 -13.16 9.73 20.76
N SER A 37 -12.35 10.11 21.75
CA SER A 37 -12.81 10.61 23.04
C SER A 37 -13.07 12.11 22.93
N ILE A 38 -14.27 12.53 23.33
CA ILE A 38 -14.57 13.94 23.49
C ILE A 38 -14.07 14.35 24.89
N SER A 39 -13.15 15.31 24.94
CA SER A 39 -12.59 15.74 26.22
C SER A 39 -13.58 16.63 26.97
N MET A 40 -13.41 16.74 28.29
CA MET A 40 -14.09 17.77 29.05
C MET A 40 -13.15 18.95 29.23
N THR A 41 -13.74 20.14 29.32
CA THR A 41 -13.00 21.34 29.64
C THR A 41 -13.86 22.31 30.42
N THR A 42 -13.19 23.21 31.13
CA THR A 42 -13.84 24.25 31.90
C THR A 42 -13.70 25.62 31.24
N ARG A 43 -13.08 25.66 30.07
CA ARG A 43 -13.04 26.91 29.30
C ARG A 43 -14.41 27.27 28.74
N GLN A 44 -14.61 28.58 28.56
CA GLN A 44 -15.85 29.10 28.00
C GLN A 44 -16.03 28.57 26.56
N MET A 45 -17.27 28.21 26.23
CA MET A 45 -17.60 27.73 24.91
C MET A 45 -17.53 28.88 23.90
N ARG A 46 -16.94 28.60 22.75
CA ARG A 46 -16.71 29.61 21.71
C ARG A 46 -17.75 29.55 20.59
N GLU A 47 -17.86 30.63 19.82
CA GLU A 47 -18.72 30.66 18.62
C GLU A 47 -18.61 29.40 17.76
N GLY A 48 -19.75 28.78 17.48
CA GLY A 48 -19.81 27.63 16.58
C GLY A 48 -19.57 26.29 17.23
N GLU A 49 -19.25 26.30 18.51
CA GLU A 49 -19.00 25.06 19.24
C GLU A 49 -20.31 24.52 19.81
N VAL A 50 -20.34 23.21 20.01
CA VAL A 50 -21.50 22.52 20.57
C VAL A 50 -21.05 21.64 21.72
N ASP A 51 -21.74 21.79 22.84
CA ASP A 51 -21.52 20.98 24.02
C ASP A 51 -21.88 19.52 23.71
N GLY A 52 -20.94 18.63 24.00
CA GLY A 52 -21.09 17.22 23.69
C GLY A 52 -20.62 16.85 22.30
N VAL A 53 -20.11 17.82 21.55
CA VAL A 53 -19.49 17.59 20.24
C VAL A 53 -18.01 17.98 20.29
N ASP A 54 -17.74 19.28 20.39
CA ASP A 54 -16.34 19.75 20.45
C ASP A 54 -15.71 19.38 21.78
N TYR A 55 -16.47 19.59 22.84
CA TYR A 55 -16.07 19.27 24.21
C TYR A 55 -17.33 19.05 25.01
N PHE A 56 -17.17 18.37 26.15
CA PHE A 56 -18.14 18.50 27.24
C PHE A 56 -17.72 19.68 28.10
N PHE A 57 -18.55 20.70 28.15
CA PHE A 57 -18.18 21.92 28.85
C PHE A 57 -18.69 21.83 30.28
N LYS A 58 -17.78 21.96 31.23
CA LYS A 58 -18.12 21.83 32.65
C LYS A 58 -17.64 23.05 33.41
N THR A 59 -18.28 23.26 34.55
CA THR A 59 -17.90 24.24 35.53
C THR A 59 -16.57 23.75 36.16
N ARG A 60 -15.72 24.67 36.66
CA ARG A 60 -14.47 24.24 37.34
C ARG A 60 -14.74 23.36 38.59
N ASP A 61 -15.81 23.71 39.30
CA ASP A 61 -16.20 22.90 40.45
C ASP A 61 -16.61 21.48 40.07
N ALA A 62 -17.34 21.32 38.98
CA ALA A 62 -17.71 19.99 38.48
C ALA A 62 -16.48 19.18 38.05
N PHE A 63 -15.58 19.83 37.31
CA PHE A 63 -14.34 19.20 36.88
C PHE A 63 -13.56 18.69 38.09
N GLU A 64 -13.45 19.51 39.13
CA GLU A 64 -12.72 19.10 40.34
C GLU A 64 -13.40 17.98 41.14
N ALA A 65 -14.73 18.00 41.17
CA ALA A 65 -15.48 16.86 41.70
C ALA A 65 -15.18 15.58 40.92
N LEU A 66 -15.09 15.70 39.60
CA LEU A 66 -14.79 14.52 38.77
C LEU A 66 -13.37 13.99 38.99
N ILE A 67 -12.42 14.91 39.13
CA ILE A 67 -11.03 14.56 39.52
C ILE A 67 -11.03 13.79 40.85
N LYS A 68 -11.72 14.34 41.86
CA LYS A 68 -11.78 13.70 43.18
C LYS A 68 -12.39 12.29 43.12
N ASP A 69 -13.34 12.08 42.20
CA ASP A 69 -14.03 10.79 42.07
C ASP A 69 -13.30 9.89 41.04
N ASP A 70 -12.09 10.30 40.67
CA ASP A 70 -11.25 9.53 39.76
C ASP A 70 -11.90 9.20 38.43
N GLN A 71 -12.52 10.22 37.85
CA GLN A 71 -13.27 10.04 36.60
C GLN A 71 -12.49 10.49 35.36
N PHE A 72 -11.20 10.82 35.52
CA PHE A 72 -10.32 11.13 34.37
C PHE A 72 -9.18 10.15 34.22
N ILE A 73 -8.94 9.72 32.99
CA ILE A 73 -7.73 8.98 32.62
C ILE A 73 -6.51 9.89 32.75
N GLU A 74 -6.68 11.13 32.30
CA GLU A 74 -5.66 12.14 32.48
C GLU A 74 -6.33 13.50 32.48
N TYR A 75 -5.71 14.45 33.13
CA TYR A 75 -6.17 15.84 33.02
C TYR A 75 -4.99 16.76 33.19
N ALA A 76 -5.20 18.00 32.78
CA ALA A 76 -4.22 19.05 32.96
C ALA A 76 -4.94 20.38 33.03
N GLU A 77 -4.26 21.39 33.60
CA GLU A 77 -4.77 22.75 33.64
C GLU A 77 -3.86 23.65 32.80
N TYR A 78 -4.45 24.40 31.87
CA TYR A 78 -3.74 25.33 30.99
C TYR A 78 -4.40 26.67 31.02
N VAL A 79 -3.60 27.69 31.34
CA VAL A 79 -4.09 29.06 31.51
C VAL A 79 -5.44 29.12 32.28
N GLY A 80 -5.48 28.41 33.41
CA GLY A 80 -6.60 28.52 34.34
C GLY A 80 -7.79 27.64 33.99
N ASN A 81 -7.69 26.92 32.87
CA ASN A 81 -8.74 26.01 32.40
C ASN A 81 -8.29 24.54 32.42
N TYR A 82 -9.16 23.67 32.92
CA TYR A 82 -8.89 22.24 32.93
C TYR A 82 -9.32 21.63 31.61
N TYR A 83 -8.61 20.57 31.24
CA TYR A 83 -8.91 19.73 30.09
C TYR A 83 -8.62 18.30 30.52
N GLY A 84 -9.48 17.36 30.16
CA GLY A 84 -9.26 15.97 30.54
C GLY A 84 -10.08 14.94 29.78
N THR A 85 -9.63 13.68 29.88
CA THR A 85 -10.27 12.54 29.23
C THR A 85 -11.14 11.77 30.22
N PRO A 86 -12.47 11.87 30.11
CA PRO A 86 -13.35 11.04 30.93
C PRO A 86 -13.04 9.54 30.78
N VAL A 87 -13.05 8.83 31.90
CA VAL A 87 -12.73 7.39 31.88
C VAL A 87 -13.82 6.51 31.27
N GLN A 88 -15.09 6.77 31.61
CA GLN A 88 -16.13 5.79 31.30
C GLN A 88 -16.32 5.52 29.81
N TYR A 89 -16.35 6.57 28.99
CA TYR A 89 -16.55 6.38 27.55
C TYR A 89 -15.44 5.46 26.96
N VAL A 90 -14.21 5.71 27.37
CA VAL A 90 -13.07 5.00 26.82
C VAL A 90 -13.15 3.52 27.21
N LYS A 91 -13.36 3.27 28.50
CA LYS A 91 -13.54 1.92 29.05
C LYS A 91 -14.63 1.14 28.33
N ASP A 92 -15.82 1.72 28.27
CA ASP A 92 -16.98 1.06 27.64
C ASP A 92 -16.72 0.79 26.17
N THR A 93 -16.08 1.75 25.50
CA THR A 93 -15.86 1.65 24.07
C THR A 93 -14.83 0.57 23.74
N MET A 94 -13.78 0.48 24.55
CA MET A 94 -12.78 -0.59 24.43
C MET A 94 -13.43 -1.96 24.69
N ASP A 95 -14.30 -2.00 25.70
CA ASP A 95 -15.05 -3.23 26.04
C ASP A 95 -15.90 -3.74 24.87
N GLU A 96 -16.40 -2.81 24.05
CA GLU A 96 -17.14 -3.13 22.83
C GLU A 96 -16.25 -3.70 21.72
N GLY A 97 -14.93 -3.61 21.88
CA GLY A 97 -13.99 -4.15 20.90
C GLY A 97 -13.43 -3.11 19.96
N HIS A 98 -13.77 -1.83 20.18
CA HIS A 98 -13.31 -0.72 19.35
C HIS A 98 -11.98 -0.16 19.84
N ASP A 99 -11.08 0.14 18.90
CA ASP A 99 -9.83 0.85 19.23
C ASP A 99 -10.16 2.32 19.47
N VAL A 100 -9.64 2.86 20.58
CA VAL A 100 -9.86 4.26 20.93
C VAL A 100 -8.55 5.03 20.72
N PHE A 101 -8.64 6.15 20.00
CA PHE A 101 -7.47 6.90 19.58
C PHE A 101 -7.49 8.28 20.23
N LEU A 102 -6.68 8.44 21.28
CA LEU A 102 -6.61 9.67 22.11
C LEU A 102 -5.48 10.60 21.72
N GLU A 103 -5.76 11.89 21.86
CA GLU A 103 -4.77 12.94 21.67
C GLU A 103 -4.64 13.61 23.05
N ILE A 104 -3.43 13.58 23.60
CA ILE A 104 -3.15 14.18 24.91
C ILE A 104 -1.94 15.11 24.82
N GLU A 105 -1.72 15.91 25.85
CA GLU A 105 -0.50 16.70 25.93
C GLU A 105 0.60 15.84 26.54
N VAL A 106 1.85 16.17 26.19
CA VAL A 106 2.99 15.27 26.36
C VAL A 106 3.13 14.70 27.77
N GLU A 107 3.00 15.55 28.78
CA GLU A 107 3.27 15.10 30.15
C GLU A 107 2.18 14.18 30.72
N GLY A 108 1.04 14.15 30.04
CA GLY A 108 -0.10 13.30 30.42
C GLY A 108 0.09 11.80 30.32
N ALA A 109 1.13 11.35 29.61
CA ALA A 109 1.35 9.91 29.36
C ALA A 109 1.51 9.15 30.65
N LYS A 110 2.16 9.78 31.63
CA LYS A 110 2.41 9.09 32.88
C LYS A 110 1.10 8.75 33.60
N GLN A 111 0.16 9.70 33.60
CA GLN A 111 -1.17 9.49 34.20
C GLN A 111 -1.90 8.35 33.48
N VAL A 112 -1.91 8.40 32.15
CA VAL A 112 -2.60 7.37 31.37
C VAL A 112 -2.01 5.97 31.62
N ARG A 113 -0.68 5.88 31.62
CA ARG A 113 0.02 4.61 31.70
C ARG A 113 -0.19 3.94 33.06
N LYS A 114 -0.41 4.74 34.09
CA LYS A 114 -0.71 4.18 35.41
C LYS A 114 -1.98 3.33 35.36
N LYS A 115 -3.00 3.81 34.64
CA LYS A 115 -4.30 3.14 34.56
C LYS A 115 -4.42 2.20 33.38
N PHE A 116 -3.70 2.51 32.30
CA PHE A 116 -3.68 1.69 31.09
C PHE A 116 -2.24 1.36 30.71
N PRO A 117 -1.60 0.43 31.47
CA PRO A 117 -0.19 0.10 31.24
C PRO A 117 0.13 -0.45 29.85
N ASP A 118 -0.86 -1.05 29.19
CA ASP A 118 -0.62 -1.68 27.89
C ASP A 118 -1.12 -0.88 26.73
N ALA A 119 -1.49 0.37 27.00
CA ALA A 119 -1.85 1.29 25.92
C ALA A 119 -0.66 1.50 24.99
N LEU A 120 -0.96 1.92 23.77
CA LEU A 120 0.03 2.21 22.76
C LEU A 120 0.36 3.70 22.80
N PHE A 121 1.56 4.04 23.28
CA PHE A 121 1.96 5.45 23.43
C PHE A 121 2.88 5.92 22.32
N ILE A 122 2.36 6.82 21.47
CA ILE A 122 3.07 7.27 20.30
C ILE A 122 3.38 8.75 20.39
N PHE A 123 4.68 9.07 20.36
CA PHE A 123 5.21 10.44 20.36
C PHE A 123 5.46 10.90 18.91
N LEU A 124 4.78 11.98 18.52
CA LEU A 124 5.02 12.61 17.23
C LEU A 124 6.11 13.67 17.39
N ALA A 125 7.21 13.50 16.66
CA ALA A 125 8.36 14.38 16.75
C ALA A 125 8.49 15.26 15.51
N PRO A 126 9.01 16.49 15.67
CA PRO A 126 9.28 17.35 14.50
C PRO A 126 10.47 16.83 13.68
N PRO A 127 10.52 17.15 12.37
CA PRO A 127 11.65 16.73 11.50
C PRO A 127 13.01 17.23 11.99
N SER A 128 14.07 16.56 11.52
CA SER A 128 15.41 16.76 12.04
C SER A 128 16.41 17.16 10.93
N LYS A 156 16.12 19.47 21.77
CA LYS A 156 16.50 18.82 23.02
C LYS A 156 15.32 18.68 23.99
N GLU A 157 14.43 19.67 24.00
CA GLU A 157 13.22 19.65 24.83
C GLU A 157 12.29 18.47 24.51
N VAL A 158 12.49 17.90 23.33
CA VAL A 158 11.85 16.67 22.86
C VAL A 158 12.24 15.46 23.74
N GLU A 159 12.94 15.75 24.84
CA GLU A 159 13.45 14.77 25.80
C GLU A 159 12.34 14.00 26.53
N MET A 160 11.09 14.42 26.33
CA MET A 160 9.93 13.80 26.97
C MET A 160 9.46 12.53 26.24
N MET A 161 10.14 12.18 25.14
CA MET A 161 9.82 10.93 24.44
C MET A 161 10.01 9.70 25.34
N ASN A 162 10.79 9.82 26.42
CA ASN A 162 11.02 8.67 27.31
C ASN A 162 9.76 8.14 28.00
N LEU A 163 8.70 8.94 27.93
CA LEU A 163 7.39 8.57 28.46
C LEU A 163 6.60 7.71 27.47
N TYR A 164 7.11 7.59 26.23
CA TYR A 164 6.38 6.99 25.10
C TYR A 164 6.98 5.65 24.59
N ASP A 165 6.17 4.89 23.86
CA ASP A 165 6.54 3.55 23.38
C ASP A 165 7.23 3.62 22.00
N TYR A 166 6.75 4.55 21.16
CA TYR A 166 7.15 4.70 19.75
C TYR A 166 7.37 6.18 19.44
N VAL A 167 8.25 6.46 18.49
CA VAL A 167 8.51 7.82 18.06
C VAL A 167 8.33 7.85 16.57
N VAL A 168 7.42 8.74 16.13
CA VAL A 168 7.10 8.89 14.72
C VAL A 168 7.39 10.32 14.32
N VAL A 169 8.20 10.50 13.29
CA VAL A 169 8.52 11.85 12.81
C VAL A 169 7.40 12.37 11.91
N ASN A 170 6.89 13.56 12.22
CA ASN A 170 5.98 14.22 11.30
C ASN A 170 6.76 15.00 10.23
N ASP A 171 7.36 14.28 9.28
CA ASP A 171 7.99 14.92 8.11
C ASP A 171 6.92 15.34 7.11
N GLU A 172 6.03 14.42 6.80
CA GLU A 172 4.89 14.67 5.95
C GLU A 172 3.71 13.95 6.56
N VAL A 173 2.53 14.56 6.50
CA VAL A 173 1.33 13.99 7.13
C VAL A 173 0.99 12.56 6.65
N GLU A 174 1.10 12.31 5.35
CA GLU A 174 0.82 10.97 4.83
C GLU A 174 1.80 9.91 5.37
N LEU A 175 3.08 10.28 5.48
CA LEU A 175 4.10 9.36 5.97
C LEU A 175 3.94 9.06 7.45
N ALA A 176 3.62 10.09 8.22
CA ALA A 176 3.37 9.92 9.65
C ALA A 176 2.17 9.02 9.90
N LYS A 177 1.10 9.23 9.13
CA LYS A 177 -0.10 8.41 9.21
C LYS A 177 0.19 6.93 8.93
N ASN A 178 0.91 6.66 7.84
CA ASN A 178 1.33 5.31 7.48
C ASN A 178 2.17 4.61 8.55
N ARG A 179 3.09 5.36 9.14
CA ARG A 179 3.92 4.84 10.23
C ARG A 179 3.10 4.45 11.46
N ILE A 180 2.17 5.33 11.83
CA ILE A 180 1.28 5.06 12.95
C ILE A 180 0.39 3.84 12.64
N GLN A 181 -0.12 3.78 11.42
CA GLN A 181 -0.86 2.59 10.98
C GLN A 181 -0.09 1.27 11.02
N CYS A 182 1.20 1.26 10.68
CA CYS A 182 2.04 0.05 10.89
C CYS A 182 2.15 -0.30 12.35
N ILE A 183 2.32 0.72 13.21
CA ILE A 183 2.45 0.50 14.65
C ILE A 183 1.19 -0.17 15.20
N VAL A 184 0.03 0.36 14.84
CA VAL A 184 -1.25 -0.18 15.33
C VAL A 184 -1.49 -1.58 14.79
N GLU A 185 -1.22 -1.77 13.49
CA GLU A 185 -1.34 -3.10 12.85
C GLU A 185 -0.45 -4.12 13.57
N ALA A 186 0.78 -3.72 13.87
CA ALA A 186 1.73 -4.60 14.58
C ALA A 186 1.20 -4.95 15.97
N GLU A 187 0.64 -3.96 16.65
CA GLU A 187 0.09 -4.20 17.99
C GLU A 187 -0.98 -5.29 17.97
N HIS A 188 -1.82 -5.29 16.94
CA HIS A 188 -2.85 -6.32 16.76
C HIS A 188 -2.27 -7.71 16.51
N LEU A 189 -1.05 -7.75 15.96
CA LEU A 189 -0.35 -9.00 15.67
C LEU A 189 0.49 -9.52 16.84
N LYS A 190 0.51 -8.78 17.94
CA LYS A 190 1.35 -9.12 19.10
C LYS A 190 0.97 -10.49 19.64
N ARG A 191 1.97 -11.32 19.96
CA ARG A 191 1.75 -12.71 20.37
C ARG A 191 0.81 -12.81 21.57
N GLU A 192 1.00 -11.91 22.55
CA GLU A 192 0.15 -11.86 23.75
C GLU A 192 -1.34 -11.83 23.40
N ARG A 193 -1.73 -10.94 22.50
CA ARG A 193 -3.13 -10.78 22.07
C ARG A 193 -3.63 -12.01 21.37
N VAL A 194 -2.90 -12.38 20.32
CA VAL A 194 -3.20 -13.54 19.49
C VAL A 194 -3.23 -14.83 20.31
N GLU A 195 -2.33 -14.92 21.29
CA GLU A 195 -2.22 -16.09 22.18
C GLU A 195 -3.47 -16.24 23.05
N ALA A 196 -3.85 -15.13 23.70
CA ALA A 196 -5.05 -15.06 24.53
C ALA A 196 -6.31 -15.36 23.71
N LYS A 197 -6.38 -14.78 22.51
CA LYS A 197 -7.42 -15.05 21.51
C LYS A 197 -7.60 -16.54 21.24
N LYS B 5 23.30 -0.87 15.18
CA LYS B 5 23.15 -2.28 14.70
C LYS B 5 21.77 -2.57 14.09
N GLY B 6 21.74 -3.40 13.05
CA GLY B 6 20.48 -3.77 12.44
C GLY B 6 19.76 -4.77 13.33
N LEU B 7 18.49 -4.99 13.04
CA LEU B 7 17.69 -5.93 13.80
C LEU B 7 17.98 -7.36 13.36
N LEU B 8 17.83 -8.30 14.29
CA LEU B 8 17.77 -9.70 13.86
C LEU B 8 16.30 -10.09 13.84
N ILE B 9 15.83 -10.45 12.66
CA ILE B 9 14.43 -10.77 12.41
C ILE B 9 14.35 -12.27 12.19
N VAL B 10 13.51 -12.94 12.99
CA VAL B 10 13.40 -14.40 12.89
C VAL B 10 11.99 -14.79 12.52
N LEU B 11 11.83 -15.36 11.33
CA LEU B 11 10.58 -15.94 10.92
C LEU B 11 10.60 -17.46 11.12
N SER B 12 9.71 -17.95 11.98
CA SER B 12 9.59 -19.39 12.18
C SER B 12 8.12 -19.82 12.22
N GLY B 13 7.86 -21.06 12.66
CA GLY B 13 6.50 -21.58 12.66
C GLY B 13 6.46 -23.04 12.27
N PRO B 14 5.26 -23.65 12.34
CA PRO B 14 5.10 -25.10 12.17
C PRO B 14 5.50 -25.58 10.78
N SER B 15 5.79 -26.87 10.67
CA SER B 15 6.17 -27.47 9.41
C SER B 15 5.08 -27.28 8.37
N GLY B 16 5.50 -26.94 7.15
CA GLY B 16 4.60 -26.83 6.00
C GLY B 16 3.74 -25.57 5.99
N VAL B 17 4.00 -24.65 6.91
CA VAL B 17 3.17 -23.47 7.07
C VAL B 17 3.38 -22.46 5.92
N GLY B 18 4.56 -22.51 5.30
CA GLY B 18 4.87 -21.65 4.16
C GLY B 18 5.89 -20.55 4.43
N LYS B 19 6.78 -20.78 5.41
CA LYS B 19 7.86 -19.87 5.78
C LYS B 19 8.74 -19.53 4.57
N GLY B 20 9.11 -20.58 3.82
CA GLY B 20 9.95 -20.43 2.63
C GLY B 20 9.32 -19.53 1.58
N THR B 21 8.06 -19.80 1.25
CA THR B 21 7.31 -19.01 0.27
C THR B 21 7.16 -17.53 0.65
N VAL B 22 6.90 -17.29 1.93
CA VAL B 22 6.74 -15.92 2.42
C VAL B 22 8.08 -15.20 2.43
N ARG B 23 9.12 -15.88 2.92
CA ARG B 23 10.48 -15.35 2.83
C ARG B 23 10.86 -15.02 1.37
N LYS B 24 10.59 -15.95 0.47
CA LYS B 24 10.86 -15.77 -0.96
C LYS B 24 10.21 -14.46 -1.45
N ARG B 25 8.91 -14.29 -1.15
CA ARG B 25 8.16 -13.10 -1.55
C ARG B 25 8.71 -11.81 -0.96
N ILE B 26 9.12 -11.87 0.30
CA ILE B 26 9.72 -10.72 0.99
C ILE B 26 10.94 -10.24 0.21
N PHE B 27 11.79 -11.17 -0.20
CA PHE B 27 13.04 -10.81 -0.87
C PHE B 27 12.92 -10.54 -2.36
N GLU B 28 11.71 -10.69 -2.88
CA GLU B 28 11.38 -10.30 -4.25
C GLU B 28 10.81 -8.88 -4.32
N ASP B 29 10.46 -8.33 -3.17
CA ASP B 29 10.00 -6.95 -3.05
C ASP B 29 11.24 -6.05 -3.07
N PRO B 30 11.34 -5.14 -4.07
CA PRO B 30 12.56 -4.34 -4.14
C PRO B 30 12.69 -3.33 -2.98
N SER B 31 11.57 -3.07 -2.30
CA SER B 31 11.56 -2.18 -1.14
C SER B 31 12.05 -2.86 0.15
N THR B 32 12.26 -4.17 0.11
CA THR B 32 12.79 -4.88 1.28
C THR B 32 14.25 -4.52 1.48
N SER B 33 14.56 -4.00 2.66
CA SER B 33 15.91 -3.56 2.98
C SER B 33 16.72 -4.64 3.71
N TYR B 34 16.05 -5.68 4.22
CA TYR B 34 16.75 -6.70 5.03
C TYR B 34 17.73 -7.48 4.18
N LYS B 35 18.68 -8.12 4.86
CA LYS B 35 19.65 -9.02 4.23
C LYS B 35 19.29 -10.43 4.67
N TYR B 36 19.16 -11.34 3.72
CA TYR B 36 18.81 -12.73 4.03
C TYR B 36 20.03 -13.56 4.43
N SER B 37 19.93 -14.24 5.58
CA SER B 37 20.93 -15.20 6.00
C SER B 37 20.74 -16.49 5.21
N ILE B 38 21.70 -16.78 4.34
CA ILE B 38 21.72 -18.03 3.60
C ILE B 38 22.20 -19.14 4.54
N SER B 39 21.35 -20.13 4.72
CA SER B 39 21.62 -21.21 5.67
C SER B 39 22.55 -22.23 5.03
N MET B 40 23.22 -22.99 5.89
CA MET B 40 23.84 -24.24 5.46
C MET B 40 22.87 -25.38 5.64
N THR B 41 22.92 -26.34 4.73
CA THR B 41 22.19 -27.59 4.90
C THR B 41 23.00 -28.78 4.38
N THR B 42 22.69 -29.96 4.90
CA THR B 42 23.26 -31.22 4.39
C THR B 42 22.29 -31.98 3.48
N ARG B 43 21.05 -31.53 3.35
CA ARG B 43 20.16 -32.20 2.40
C ARG B 43 20.68 -32.01 0.97
N GLN B 44 20.34 -32.95 0.08
CA GLN B 44 20.72 -32.88 -1.32
C GLN B 44 20.08 -31.66 -1.98
N MET B 45 20.81 -31.05 -2.90
CA MET B 45 20.29 -29.95 -3.71
C MET B 45 19.21 -30.47 -4.67
N ARG B 46 18.16 -29.67 -4.84
CA ARG B 46 17.00 -30.05 -5.66
C ARG B 46 17.00 -29.25 -6.96
N GLU B 47 16.32 -29.79 -7.97
CA GLU B 47 16.16 -29.12 -9.27
C GLU B 47 15.84 -27.63 -9.07
N GLY B 48 16.54 -26.78 -9.78
CA GLY B 48 16.34 -25.32 -9.69
C GLY B 48 17.14 -24.63 -8.60
N GLU B 49 17.64 -25.39 -7.63
CA GLU B 49 18.39 -24.77 -6.53
C GLU B 49 19.83 -24.55 -6.94
N VAL B 50 20.40 -23.47 -6.43
CA VAL B 50 21.79 -23.07 -6.70
C VAL B 50 22.55 -22.97 -5.39
N ASP B 51 23.68 -23.69 -5.32
CA ASP B 51 24.58 -23.62 -4.16
C ASP B 51 25.05 -22.18 -3.96
N GLY B 52 24.87 -21.66 -2.74
CA GLY B 52 25.26 -20.29 -2.38
C GLY B 52 24.18 -19.28 -2.64
N VAL B 53 23.01 -19.74 -3.09
CA VAL B 53 21.84 -18.89 -3.29
C VAL B 53 20.70 -19.40 -2.41
N ASP B 54 20.27 -20.64 -2.66
CA ASP B 54 19.20 -21.25 -1.87
C ASP B 54 19.74 -21.63 -0.49
N TYR B 55 20.90 -22.29 -0.50
CA TYR B 55 21.61 -22.73 0.70
C TYR B 55 23.09 -22.81 0.36
N PHE B 56 23.92 -22.89 1.39
CA PHE B 56 25.28 -23.41 1.26
C PHE B 56 25.16 -24.91 1.56
N PHE B 57 25.28 -25.72 0.51
CA PHE B 57 25.14 -27.16 0.66
C PHE B 57 26.45 -27.76 1.17
N LYS B 58 26.35 -28.52 2.26
CA LYS B 58 27.51 -29.09 2.97
C LYS B 58 27.35 -30.61 3.18
N THR B 59 28.46 -31.32 3.36
CA THR B 59 28.39 -32.73 3.72
C THR B 59 28.12 -32.78 5.21
N ARG B 60 27.67 -33.92 5.71
CA ARG B 60 27.46 -34.11 7.15
C ARG B 60 28.77 -33.97 7.93
N ASP B 61 29.88 -34.42 7.34
CA ASP B 61 31.20 -34.31 7.99
C ASP B 61 31.54 -32.85 8.27
N ALA B 62 31.41 -32.03 7.23
CA ALA B 62 31.77 -30.60 7.32
C ALA B 62 30.81 -29.88 8.24
N PHE B 63 29.52 -30.16 8.11
CA PHE B 63 28.53 -29.55 9.00
C PHE B 63 28.85 -29.89 10.46
N GLU B 64 29.16 -31.16 10.72
CA GLU B 64 29.45 -31.54 12.13
C GLU B 64 30.74 -30.91 12.68
N ALA B 65 31.77 -30.81 11.85
CA ALA B 65 33.01 -30.12 12.24
C ALA B 65 32.70 -28.63 12.55
N LEU B 66 31.80 -28.02 11.78
CA LEU B 66 31.39 -26.64 12.06
C LEU B 66 30.60 -26.50 13.36
N ILE B 67 29.75 -27.48 13.67
CA ILE B 67 29.08 -27.53 14.98
C ILE B 67 30.11 -27.58 16.11
N LYS B 68 31.06 -28.52 16.00
CA LYS B 68 32.06 -28.71 17.03
C LYS B 68 32.85 -27.41 17.25
N ASP B 69 33.05 -26.65 16.18
CA ASP B 69 33.80 -25.40 16.25
C ASP B 69 32.92 -24.19 16.63
N ASP B 70 31.63 -24.40 16.92
CA ASP B 70 30.75 -23.35 17.44
C ASP B 70 30.51 -22.29 16.35
N GLN B 71 30.31 -22.75 15.12
CA GLN B 71 30.20 -21.85 13.97
C GLN B 71 28.75 -21.57 13.54
N PHE B 72 27.80 -21.95 14.39
CA PHE B 72 26.38 -21.75 14.13
C PHE B 72 25.70 -20.98 15.25
N ILE B 73 24.94 -19.95 14.87
CA ILE B 73 24.04 -19.31 15.84
C ILE B 73 23.02 -20.34 16.36
N GLU B 74 22.58 -21.18 15.44
CA GLU B 74 21.64 -22.24 15.72
C GLU B 74 21.83 -23.33 14.67
N TYR B 75 21.52 -24.56 15.04
CA TYR B 75 21.35 -25.58 14.01
C TYR B 75 20.31 -26.60 14.47
N ALA B 76 19.75 -27.31 13.51
CA ALA B 76 18.72 -28.30 13.83
C ALA B 76 18.79 -29.45 12.85
N GLU B 77 18.17 -30.56 13.23
CA GLU B 77 17.97 -31.68 12.32
C GLU B 77 16.50 -31.67 11.95
N TYR B 78 16.23 -31.68 10.65
CA TYR B 78 14.87 -31.67 10.17
C TYR B 78 14.72 -32.69 9.05
N VAL B 79 13.79 -33.64 9.24
CA VAL B 79 13.60 -34.79 8.35
C VAL B 79 14.94 -35.39 7.90
N GLY B 80 15.79 -35.70 8.88
CA GLY B 80 17.03 -36.41 8.65
C GLY B 80 18.20 -35.63 8.07
N ASN B 81 18.09 -34.30 8.03
CA ASN B 81 19.17 -33.44 7.52
C ASN B 81 19.46 -32.30 8.46
N TYR B 82 20.72 -31.83 8.47
CA TYR B 82 21.10 -30.62 9.21
C TYR B 82 20.77 -29.36 8.44
N TYR B 83 20.40 -28.33 9.20
CA TYR B 83 20.19 -26.97 8.72
C TYR B 83 20.74 -26.07 9.79
N GLY B 84 21.42 -25.00 9.38
CA GLY B 84 21.97 -24.10 10.39
C GLY B 84 22.33 -22.74 9.85
N THR B 85 22.39 -21.79 10.77
CA THR B 85 22.69 -20.37 10.50
C THR B 85 24.14 -20.07 10.83
N PRO B 86 24.98 -19.85 9.81
CA PRO B 86 26.39 -19.49 10.04
C PRO B 86 26.49 -18.20 10.85
N VAL B 87 27.38 -18.20 11.84
CA VAL B 87 27.45 -17.10 12.80
C VAL B 87 28.02 -15.81 12.19
N GLN B 88 29.05 -15.93 11.36
CA GLN B 88 29.84 -14.73 10.99
C GLN B 88 29.05 -13.74 10.13
N TYR B 89 28.30 -14.26 9.16
CA TYR B 89 27.50 -13.41 8.27
C TYR B 89 26.51 -12.55 9.07
N VAL B 90 25.82 -13.17 10.01
CA VAL B 90 24.81 -12.49 10.84
C VAL B 90 25.46 -11.39 11.68
N LYS B 91 26.52 -11.75 12.40
CA LYS B 91 27.25 -10.78 13.23
C LYS B 91 27.78 -9.60 12.42
N ASP B 92 28.49 -9.88 11.33
CA ASP B 92 29.07 -8.83 10.48
C ASP B 92 28.01 -7.91 9.87
N THR B 93 26.93 -8.51 9.36
CA THR B 93 25.88 -7.79 8.65
C THR B 93 25.09 -6.88 9.59
N MET B 94 24.74 -7.38 10.78
CA MET B 94 24.11 -6.53 11.82
C MET B 94 25.03 -5.37 12.25
N ASP B 95 26.33 -5.65 12.35
CA ASP B 95 27.32 -4.63 12.71
C ASP B 95 27.41 -3.50 11.68
N GLU B 96 27.22 -3.86 10.41
CA GLU B 96 27.19 -2.88 9.31
C GLU B 96 25.93 -2.01 9.33
N GLY B 97 24.97 -2.38 10.18
CA GLY B 97 23.73 -1.61 10.34
C GLY B 97 22.51 -2.20 9.63
N HIS B 98 22.70 -3.35 8.95
CA HIS B 98 21.63 -3.96 8.17
C HIS B 98 20.85 -4.95 9.01
N ASP B 99 19.53 -4.99 8.79
CA ASP B 99 18.68 -6.00 9.41
C ASP B 99 18.98 -7.31 8.74
N VAL B 100 19.06 -8.35 9.54
CA VAL B 100 19.34 -9.70 9.03
C VAL B 100 18.10 -10.54 9.30
N PHE B 101 17.72 -11.33 8.30
CA PHE B 101 16.47 -12.08 8.29
C PHE B 101 16.80 -13.57 8.27
N LEU B 102 16.26 -14.30 9.25
CA LEU B 102 16.37 -15.78 9.34
C LEU B 102 15.01 -16.39 9.06
N GLU B 103 14.99 -17.47 8.28
CA GLU B 103 13.80 -18.27 8.05
C GLU B 103 14.23 -19.69 8.44
N ILE B 104 13.74 -20.15 9.59
CA ILE B 104 14.24 -21.38 10.24
C ILE B 104 13.08 -22.10 10.94
N GLU B 105 13.21 -23.39 11.20
CA GLU B 105 12.16 -24.13 11.90
C GLU B 105 12.24 -23.90 13.41
N VAL B 106 11.31 -24.46 14.17
CA VAL B 106 11.06 -23.99 15.55
C VAL B 106 12.15 -24.32 16.59
N GLU B 107 12.84 -25.43 16.40
CA GLU B 107 13.91 -25.80 17.35
C GLU B 107 15.10 -24.83 17.24
N GLY B 108 15.47 -24.48 16.02
CA GLY B 108 16.52 -23.47 15.78
C GLY B 108 16.16 -22.10 16.36
N ALA B 109 14.90 -21.70 16.20
CA ALA B 109 14.44 -20.43 16.78
C ALA B 109 14.63 -20.38 18.30
N LYS B 110 14.43 -21.52 18.97
CA LYS B 110 14.63 -21.56 20.44
C LYS B 110 16.08 -21.21 20.78
N GLN B 111 17.03 -21.71 19.97
CA GLN B 111 18.46 -21.43 20.18
C GLN B 111 18.77 -19.98 19.92
N VAL B 112 18.16 -19.42 18.88
CA VAL B 112 18.34 -17.99 18.58
C VAL B 112 17.85 -17.12 19.74
N ARG B 113 16.66 -17.44 20.25
CA ARG B 113 16.12 -16.73 21.41
C ARG B 113 17.10 -16.70 22.62
N LYS B 114 17.76 -17.82 22.88
CA LYS B 114 18.70 -17.93 24.00
C LYS B 114 19.89 -16.99 23.83
N LYS B 115 20.38 -16.88 22.60
CA LYS B 115 21.56 -16.07 22.29
C LYS B 115 21.25 -14.61 21.99
N PHE B 116 20.09 -14.34 21.42
CA PHE B 116 19.64 -12.99 21.06
C PHE B 116 18.25 -12.77 21.66
N PRO B 117 18.15 -12.60 23.00
CA PRO B 117 16.81 -12.43 23.59
C PRO B 117 16.03 -11.22 23.07
N ASP B 118 16.74 -10.21 22.58
CA ASP B 118 16.07 -9.02 22.04
C ASP B 118 15.77 -9.08 20.54
N ALA B 119 16.05 -10.20 19.90
CA ALA B 119 15.70 -10.35 18.49
C ALA B 119 14.19 -10.32 18.31
N LEU B 120 13.78 -10.12 17.07
CA LEU B 120 12.37 -10.04 16.71
C LEU B 120 11.88 -11.39 16.20
N PHE B 121 11.03 -12.03 17.00
CA PHE B 121 10.52 -13.37 16.68
C PHE B 121 9.09 -13.33 16.19
N ILE B 122 8.92 -13.69 14.93
CA ILE B 122 7.63 -13.72 14.25
C ILE B 122 7.24 -15.16 13.94
N PHE B 123 6.08 -15.55 14.45
CA PHE B 123 5.57 -16.91 14.29
C PHE B 123 4.55 -16.91 13.15
N LEU B 124 4.85 -17.67 12.11
CA LEU B 124 3.93 -17.78 10.98
C LEU B 124 2.97 -18.92 11.25
N ALA B 125 1.69 -18.57 11.41
CA ALA B 125 0.65 -19.53 11.76
C ALA B 125 -0.19 -19.98 10.56
N PRO B 126 -0.73 -21.22 10.60
CA PRO B 126 -1.63 -21.67 9.54
C PRO B 126 -3.01 -21.01 9.65
N PRO B 127 -3.71 -20.85 8.50
CA PRO B 127 -5.09 -20.38 8.51
C PRO B 127 -6.04 -21.22 9.37
N SER B 128 -5.60 -22.42 9.78
CA SER B 128 -6.34 -23.28 10.70
C SER B 128 -6.94 -22.50 11.88
N GLU B 157 0.38 -25.99 18.79
CA GLU B 157 0.52 -24.70 18.11
C GLU B 157 0.45 -23.50 19.06
N VAL B 158 -0.47 -23.54 20.05
CA VAL B 158 -0.56 -22.48 21.09
C VAL B 158 0.67 -22.53 22.01
N GLU B 159 1.07 -23.75 22.46
CA GLU B 159 2.32 -23.95 23.20
C GLU B 159 3.57 -23.47 22.42
N MET B 160 3.54 -23.69 21.10
CA MET B 160 4.65 -23.33 20.18
C MET B 160 4.92 -21.83 20.10
N MET B 161 3.85 -21.04 20.25
CA MET B 161 3.87 -19.58 20.11
C MET B 161 4.47 -18.82 21.31
N ASN B 162 4.82 -19.60 22.38
CA ASN B 162 5.15 -18.97 23.65
C ASN B 162 6.30 -17.94 23.57
N LEU B 163 7.43 -18.34 22.97
CA LEU B 163 8.61 -17.48 22.95
C LEU B 163 8.48 -16.27 22.03
N TYR B 164 7.46 -16.27 21.16
CA TYR B 164 7.43 -15.33 20.02
C TYR B 164 6.88 -13.94 20.36
N ASP B 165 7.26 -12.95 19.56
CA ASP B 165 6.82 -11.57 19.78
C ASP B 165 5.55 -11.30 19.02
N TYR B 166 5.48 -11.82 17.79
CA TYR B 166 4.33 -11.57 16.93
C TYR B 166 3.85 -12.85 16.30
N VAL B 167 2.56 -12.85 15.94
CA VAL B 167 1.97 -13.97 15.21
C VAL B 167 1.28 -13.46 13.93
N VAL B 168 1.70 -14.02 12.81
CA VAL B 168 1.19 -13.66 11.50
C VAL B 168 0.55 -14.90 10.86
N VAL B 169 -0.72 -14.80 10.48
CA VAL B 169 -1.38 -15.91 9.79
C VAL B 169 -0.99 -15.90 8.31
N ASN B 170 -0.52 -17.04 7.80
CA ASN B 170 -0.34 -17.17 6.37
C ASN B 170 -1.67 -17.50 5.67
N ASP B 171 -2.57 -16.53 5.61
CA ASP B 171 -3.82 -16.73 4.88
C ASP B 171 -3.52 -16.61 3.40
N GLU B 172 -2.74 -15.58 3.04
CA GLU B 172 -2.18 -15.46 1.70
C GLU B 172 -0.79 -14.84 1.77
N VAL B 173 0.06 -15.23 0.82
CA VAL B 173 1.48 -14.84 0.85
C VAL B 173 1.68 -13.32 0.88
N GLU B 174 1.01 -12.60 -0.01
CA GLU B 174 1.16 -11.14 -0.07
C GLU B 174 0.75 -10.49 1.25
N LEU B 175 -0.34 -11.00 1.84
CA LEU B 175 -0.85 -10.49 3.11
C LEU B 175 0.15 -10.72 4.25
N ALA B 176 0.72 -11.92 4.28
CA ALA B 176 1.71 -12.28 5.29
C ALA B 176 2.97 -11.42 5.18
N LYS B 177 3.43 -11.20 3.95
CA LYS B 177 4.58 -10.34 3.68
C LYS B 177 4.35 -8.92 4.21
N ASN B 178 3.17 -8.37 3.95
CA ASN B 178 2.88 -7.00 4.33
C ASN B 178 2.83 -6.83 5.84
N ARG B 179 2.27 -7.83 6.52
CA ARG B 179 2.19 -7.85 7.99
C ARG B 179 3.58 -7.87 8.63
N ILE B 180 4.44 -8.76 8.12
CA ILE B 180 5.83 -8.83 8.55
C ILE B 180 6.54 -7.48 8.34
N GLN B 181 6.34 -6.90 7.16
CA GLN B 181 6.91 -5.60 6.85
C GLN B 181 6.45 -4.51 7.83
N CYS B 182 5.16 -4.46 8.19
CA CYS B 182 4.75 -3.41 9.13
C CYS B 182 5.27 -3.73 10.56
N ILE B 183 5.41 -5.03 10.91
CA ILE B 183 6.04 -5.40 12.20
C ILE B 183 7.49 -4.91 12.32
N VAL B 184 8.26 -5.07 11.26
CA VAL B 184 9.64 -4.62 11.24
C VAL B 184 9.72 -3.08 11.27
N GLU B 185 8.86 -2.39 10.50
CA GLU B 185 8.77 -0.93 10.53
C GLU B 185 8.48 -0.42 11.95
N ALA B 186 7.50 -1.02 12.61
CA ALA B 186 7.14 -0.68 13.99
C ALA B 186 8.30 -0.86 14.97
N GLU B 187 9.08 -1.93 14.79
CA GLU B 187 10.27 -2.16 15.62
C GLU B 187 11.32 -1.06 15.41
N HIS B 188 11.47 -0.60 14.17
CA HIS B 188 12.35 0.56 13.91
C HIS B 188 11.82 1.85 14.51
N LEU B 189 10.53 1.90 14.80
CA LEU B 189 9.96 3.11 15.42
C LEU B 189 9.94 3.07 16.96
N LYS B 190 10.37 1.96 17.56
CA LYS B 190 10.39 1.85 19.03
C LYS B 190 11.20 2.97 19.65
N ARG B 191 10.64 3.60 20.68
CA ARG B 191 11.26 4.75 21.30
C ARG B 191 12.68 4.48 21.82
N GLU B 192 12.90 3.31 22.41
CA GLU B 192 14.21 2.96 22.98
C GLU B 192 15.29 3.08 21.91
N ARG B 193 14.97 2.58 20.71
CA ARG B 193 15.85 2.63 19.56
C ARG B 193 16.02 4.06 19.04
N VAL B 194 14.90 4.76 18.89
CA VAL B 194 14.92 6.14 18.38
C VAL B 194 15.63 7.11 19.35
N GLU B 195 15.27 7.02 20.62
CA GLU B 195 15.90 7.80 21.70
C GLU B 195 17.42 7.61 21.73
N ALA B 196 17.86 6.36 21.68
CA ALA B 196 19.30 6.06 21.67
C ALA B 196 19.99 6.75 20.47
N LYS B 197 19.33 6.77 19.32
CA LYS B 197 19.84 7.46 18.14
C LYS B 197 20.04 8.95 18.41
N TYR B 198 18.97 9.58 18.91
CA TYR B 198 18.94 11.02 19.16
C TYR B 198 19.97 11.43 20.22
N ARG B 199 20.11 10.59 21.25
CA ARG B 199 21.06 10.87 22.32
C ARG B 199 22.50 10.81 21.82
N LYS B 200 22.83 9.76 21.07
CA LYS B 200 24.16 9.64 20.45
C LYS B 200 24.49 10.85 19.58
N MET B 201 23.47 11.34 18.87
CA MET B 201 23.63 12.48 17.97
C MET B 201 23.86 13.79 18.75
N ILE B 202 23.13 13.98 19.84
CA ILE B 202 23.29 15.17 20.70
C ILE B 202 24.64 15.18 21.43
N LEU B 203 25.05 14.01 21.93
CA LEU B 203 26.33 13.88 22.63
C LEU B 203 27.51 14.07 21.69
N GLU B 204 27.39 13.52 20.49
CA GLU B 204 28.39 13.64 19.44
C GLU B 204 28.70 15.10 19.09
N ALA B 205 27.65 15.91 18.89
CA ALA B 205 27.81 17.32 18.57
C ALA B 205 28.47 18.04 19.79
N LYS C 5 -21.86 11.61 -11.49
CA LYS C 5 -22.24 10.16 -11.58
C LYS C 5 -21.09 9.22 -11.29
N GLY C 6 -21.40 8.12 -10.59
CA GLY C 6 -20.42 7.07 -10.32
C GLY C 6 -20.11 6.30 -11.57
N LEU C 7 -18.97 5.62 -11.57
CA LEU C 7 -18.58 4.76 -12.67
C LEU C 7 -19.29 3.45 -12.55
N LEU C 8 -19.60 2.85 -13.69
CA LEU C 8 -20.01 1.46 -13.71
C LEU C 8 -18.78 0.62 -14.02
N ILE C 9 -18.44 -0.27 -13.09
CA ILE C 9 -17.26 -1.10 -13.18
C ILE C 9 -17.75 -2.52 -13.41
N VAL C 10 -17.26 -3.13 -14.48
CA VAL C 10 -17.70 -4.47 -14.87
C VAL C 10 -16.52 -5.40 -14.90
N LEU C 11 -16.49 -6.32 -13.94
CA LEU C 11 -15.50 -7.40 -13.93
C LEU C 11 -16.07 -8.68 -14.57
N SER C 12 -15.46 -9.14 -15.65
CA SER C 12 -15.89 -10.39 -16.29
C SER C 12 -14.66 -11.19 -16.78
N GLY C 13 -14.87 -12.20 -17.61
CA GLY C 13 -13.80 -13.13 -17.99
C GLY C 13 -14.28 -14.58 -18.06
N PRO C 14 -13.37 -15.53 -18.41
CA PRO C 14 -13.84 -16.89 -18.66
C PRO C 14 -14.30 -17.64 -17.40
N SER C 15 -15.05 -18.71 -17.61
CA SER C 15 -15.55 -19.55 -16.53
C SER C 15 -14.42 -20.10 -15.71
N GLY C 16 -14.62 -20.13 -14.40
CA GLY C 16 -13.66 -20.73 -13.48
C GLY C 16 -12.36 -19.96 -13.30
N VAL C 17 -12.35 -18.69 -13.72
CA VAL C 17 -11.14 -17.87 -13.57
C VAL C 17 -10.99 -17.34 -12.14
N GLY C 18 -12.11 -17.21 -11.42
CA GLY C 18 -12.10 -16.72 -10.05
C GLY C 18 -12.64 -15.31 -9.88
N LYS C 19 -13.53 -14.87 -10.76
CA LYS C 19 -14.14 -13.53 -10.65
C LYS C 19 -14.84 -13.38 -9.28
N GLY C 20 -15.59 -14.42 -8.90
CA GLY C 20 -16.32 -14.41 -7.61
C GLY C 20 -15.38 -14.18 -6.44
N THR C 21 -14.29 -14.95 -6.42
CA THR C 21 -13.29 -14.91 -5.36
C THR C 21 -12.60 -13.54 -5.26
N VAL C 22 -12.26 -12.98 -6.42
CA VAL C 22 -11.64 -11.66 -6.46
C VAL C 22 -12.64 -10.60 -5.99
N ARG C 23 -13.87 -10.68 -6.50
CA ARG C 23 -14.93 -9.74 -6.09
C ARG C 23 -15.18 -9.84 -4.59
N LYS C 24 -15.27 -11.07 -4.07
CA LYS C 24 -15.45 -11.27 -2.63
C LYS C 24 -14.34 -10.56 -1.83
N ARG C 25 -13.09 -10.75 -2.23
CA ARG C 25 -11.96 -10.06 -1.59
C ARG C 25 -12.09 -8.55 -1.65
N ILE C 26 -12.47 -8.03 -2.81
CA ILE C 26 -12.65 -6.59 -2.98
C ILE C 26 -13.63 -6.03 -1.95
N PHE C 27 -14.76 -6.70 -1.77
CA PHE C 27 -15.77 -6.18 -0.84
C PHE C 27 -15.61 -6.59 0.63
N GLU C 28 -14.57 -7.37 0.92
CA GLU C 28 -14.17 -7.64 2.30
C GLU C 28 -13.23 -6.55 2.80
N ASP C 29 -12.68 -5.78 1.87
CA ASP C 29 -11.78 -4.69 2.20
C ASP C 29 -12.59 -3.43 2.52
N PRO C 30 -12.52 -2.94 3.78
CA PRO C 30 -13.23 -1.72 4.18
C PRO C 30 -12.81 -0.47 3.40
N SER C 31 -11.62 -0.48 2.82
CA SER C 31 -11.15 0.67 2.04
C SER C 31 -11.76 0.73 0.63
N THR C 32 -12.40 -0.35 0.21
CA THR C 32 -13.07 -0.35 -1.08
C THR C 32 -14.17 0.68 -1.08
N SER C 33 -14.18 1.52 -2.12
CA SER C 33 -15.10 2.64 -2.27
C SER C 33 -16.38 2.31 -3.05
N TYR C 34 -16.31 1.26 -3.87
CA TYR C 34 -17.39 0.93 -4.77
C TYR C 34 -18.56 0.27 -4.03
N LYS C 35 -19.69 0.20 -4.71
CA LYS C 35 -20.88 -0.45 -4.16
C LYS C 35 -21.15 -1.66 -5.01
N TYR C 36 -21.37 -2.81 -4.37
CA TYR C 36 -21.56 -4.05 -5.11
C TYR C 36 -23.02 -4.28 -5.55
N SER C 37 -23.19 -4.57 -6.85
CA SER C 37 -24.50 -4.95 -7.38
C SER C 37 -24.76 -6.43 -7.03
N ILE C 38 -25.64 -6.65 -6.06
CA ILE C 38 -26.04 -8.04 -5.74
C ILE C 38 -26.93 -8.54 -6.86
N SER C 39 -26.51 -9.63 -7.49
CA SER C 39 -27.21 -10.18 -8.63
C SER C 39 -28.41 -11.00 -8.19
N MET C 40 -29.34 -11.18 -9.11
CA MET C 40 -30.37 -12.21 -8.95
C MET C 40 -29.95 -13.48 -9.64
N THR C 41 -30.31 -14.63 -9.08
CA THR C 41 -30.08 -15.92 -9.75
C THR C 41 -31.21 -16.90 -9.44
N THR C 42 -31.39 -17.88 -10.34
CA THR C 42 -32.35 -18.95 -10.12
C THR C 42 -31.66 -20.25 -9.74
N ARG C 43 -30.34 -20.22 -9.60
CA ARG C 43 -29.67 -21.41 -9.12
C ARG C 43 -29.97 -21.58 -7.64
N GLN C 44 -29.71 -22.80 -7.20
CA GLN C 44 -29.76 -23.28 -5.84
C GLN C 44 -28.85 -22.49 -4.88
N MET C 45 -29.39 -21.96 -3.79
CA MET C 45 -28.57 -21.38 -2.71
C MET C 45 -27.64 -22.44 -2.11
N ARG C 46 -26.36 -22.10 -1.95
CA ARG C 46 -25.34 -23.03 -1.44
C ARG C 46 -25.10 -22.85 0.06
N GLU C 47 -24.55 -23.87 0.71
CA GLU C 47 -24.24 -23.79 2.14
C GLU C 47 -23.27 -22.66 2.40
N GLY C 48 -23.59 -21.83 3.39
CA GLY C 48 -22.79 -20.66 3.71
C GLY C 48 -23.28 -19.39 3.04
N GLU C 49 -24.10 -19.53 1.99
CA GLU C 49 -24.66 -18.37 1.31
C GLU C 49 -25.90 -17.87 2.03
N VAL C 50 -26.14 -16.57 1.90
CA VAL C 50 -27.28 -15.91 2.55
C VAL C 50 -28.04 -15.15 1.47
N ASP C 51 -29.33 -15.45 1.36
CA ASP C 51 -30.24 -14.73 0.49
C ASP C 51 -30.18 -13.25 0.84
N GLY C 52 -30.00 -12.42 -0.18
CA GLY C 52 -29.96 -10.99 0.00
C GLY C 52 -28.58 -10.48 0.30
N VAL C 53 -27.60 -11.39 0.40
CA VAL C 53 -26.21 -11.01 0.61
C VAL C 53 -25.32 -11.49 -0.55
N ASP C 54 -25.35 -12.80 -0.82
CA ASP C 54 -24.56 -13.35 -1.94
C ASP C 54 -25.26 -13.15 -3.27
N TYR C 55 -26.56 -13.44 -3.27
CA TYR C 55 -27.47 -13.23 -4.39
C TYR C 55 -28.85 -12.92 -3.80
N PHE C 56 -29.71 -12.32 -4.63
CA PHE C 56 -31.14 -12.42 -4.41
C PHE C 56 -31.62 -13.68 -5.13
N PHE C 57 -32.01 -14.70 -4.38
CA PHE C 57 -32.42 -15.97 -5.00
C PHE C 57 -33.87 -15.90 -5.42
N LYS C 58 -34.12 -16.30 -6.67
CA LYS C 58 -35.43 -16.20 -7.30
C LYS C 58 -35.86 -17.53 -7.91
N THR C 59 -37.16 -17.69 -8.09
CA THR C 59 -37.69 -18.78 -8.92
C THR C 59 -37.54 -18.36 -10.39
N ARG C 60 -37.58 -19.32 -11.29
CA ARG C 60 -37.58 -18.98 -12.72
C ARG C 60 -38.79 -18.11 -13.09
N ASP C 61 -39.93 -18.39 -12.46
CA ASP C 61 -41.13 -17.58 -12.75
C ASP C 61 -40.88 -16.10 -12.42
N ALA C 62 -40.32 -15.84 -11.24
CA ALA C 62 -40.08 -14.47 -10.77
C ALA C 62 -39.04 -13.77 -11.63
N PHE C 63 -38.01 -14.52 -12.02
CA PHE C 63 -36.92 -13.96 -12.85
C PHE C 63 -37.46 -13.57 -14.22
N GLU C 64 -38.26 -14.45 -14.81
CA GLU C 64 -38.84 -14.19 -16.15
C GLU C 64 -39.84 -13.04 -16.15
N ALA C 65 -40.58 -12.90 -15.05
CA ALA C 65 -41.45 -11.74 -14.85
C ALA C 65 -40.63 -10.45 -14.91
N LEU C 66 -39.49 -10.46 -14.23
CA LEU C 66 -38.62 -9.29 -14.18
C LEU C 66 -37.97 -9.02 -15.53
N ILE C 67 -37.58 -10.06 -16.25
CA ILE C 67 -37.11 -9.90 -17.65
C ILE C 67 -38.16 -9.14 -18.46
N LYS C 68 -39.39 -9.66 -18.44
CA LYS C 68 -40.54 -9.07 -19.15
C LYS C 68 -40.82 -7.62 -18.78
N ASP C 69 -40.60 -7.29 -17.52
CA ASP C 69 -40.79 -5.93 -17.01
C ASP C 69 -39.61 -4.99 -17.26
N ASP C 70 -38.59 -5.46 -17.97
CA ASP C 70 -37.38 -4.67 -18.27
C ASP C 70 -36.59 -4.27 -17.01
N GLN C 71 -36.51 -5.18 -16.04
CA GLN C 71 -35.88 -4.86 -14.76
C GLN C 71 -34.43 -5.36 -14.65
N PHE C 72 -33.86 -5.76 -15.78
CA PHE C 72 -32.45 -6.18 -15.85
C PHE C 72 -31.69 -5.36 -16.89
N ILE C 73 -30.54 -4.83 -16.48
CA ILE C 73 -29.56 -4.25 -17.40
C ILE C 73 -29.01 -5.35 -18.31
N GLU C 74 -28.95 -6.55 -17.75
CA GLU C 74 -28.14 -7.62 -18.27
C GLU C 74 -28.78 -8.89 -17.68
N TYR C 75 -29.04 -9.91 -18.49
CA TYR C 75 -29.25 -11.26 -17.92
C TYR C 75 -28.71 -12.37 -18.82
N ALA C 76 -28.39 -13.51 -18.22
CA ALA C 76 -27.86 -14.63 -18.98
C ALA C 76 -28.32 -15.92 -18.36
N GLU C 77 -28.27 -16.98 -19.14
CA GLU C 77 -28.43 -18.33 -18.60
C GLU C 77 -27.03 -18.93 -18.57
N TYR C 78 -26.64 -19.43 -17.41
CA TYR C 78 -25.32 -20.01 -17.25
C TYR C 78 -25.54 -21.40 -16.69
N VAL C 79 -25.15 -22.41 -17.47
CA VAL C 79 -25.43 -23.82 -17.16
C VAL C 79 -26.91 -23.97 -16.73
N GLY C 80 -27.82 -23.50 -17.57
CA GLY C 80 -29.28 -23.68 -17.36
C GLY C 80 -29.98 -22.78 -16.36
N ASN C 81 -29.23 -22.07 -15.50
CA ASN C 81 -29.84 -21.16 -14.52
C ASN C 81 -29.68 -19.70 -14.95
N TYR C 82 -30.68 -18.87 -14.64
CA TYR C 82 -30.60 -17.43 -14.93
C TYR C 82 -29.74 -16.69 -13.93
N TYR C 83 -29.03 -15.68 -14.42
CA TYR C 83 -28.31 -14.74 -13.57
C TYR C 83 -28.53 -13.35 -14.15
N GLY C 84 -28.65 -12.33 -13.31
CA GLY C 84 -28.89 -10.99 -13.89
C GLY C 84 -28.69 -9.85 -12.93
N THR C 85 -28.47 -8.67 -13.52
CA THR C 85 -28.18 -7.45 -12.79
C THR C 85 -29.43 -6.57 -12.73
N PRO C 86 -30.05 -6.44 -11.54
CA PRO C 86 -31.18 -5.50 -11.38
C PRO C 86 -30.86 -4.05 -11.79
N VAL C 87 -31.75 -3.45 -12.57
CA VAL C 87 -31.50 -2.13 -13.13
C VAL C 87 -31.56 -1.05 -12.06
N GLN C 88 -32.52 -1.15 -11.13
CA GLN C 88 -32.79 -0.01 -10.23
C GLN C 88 -31.63 0.34 -9.32
N TYR C 89 -31.07 -0.66 -8.65
CA TYR C 89 -29.96 -0.44 -7.73
C TYR C 89 -28.75 0.23 -8.42
N VAL C 90 -28.41 -0.25 -9.61
CA VAL C 90 -27.29 0.32 -10.37
C VAL C 90 -27.56 1.79 -10.69
N LYS C 91 -28.73 2.07 -11.25
CA LYS C 91 -29.16 3.42 -11.61
C LYS C 91 -29.13 4.39 -10.43
N ASP C 92 -29.79 4.00 -9.35
CA ASP C 92 -29.88 4.86 -8.16
C ASP C 92 -28.52 5.09 -7.53
N THR C 93 -27.70 4.04 -7.45
CA THR C 93 -26.39 4.11 -6.79
C THR C 93 -25.39 4.97 -7.56
N MET C 94 -25.38 4.81 -8.89
CA MET C 94 -24.60 5.69 -9.79
C MET C 94 -25.05 7.16 -9.71
N ASP C 95 -26.34 7.39 -9.56
CA ASP C 95 -26.88 8.75 -9.43
C ASP C 95 -26.53 9.42 -8.10
N GLU C 96 -26.34 8.61 -7.05
CA GLU C 96 -25.88 9.15 -5.75
C GLU C 96 -24.39 9.51 -5.77
N GLY C 97 -23.68 9.11 -6.82
CA GLY C 97 -22.28 9.46 -7.00
C GLY C 97 -21.31 8.32 -6.70
N HIS C 98 -21.88 7.14 -6.42
CA HIS C 98 -21.10 5.98 -6.02
C HIS C 98 -20.74 5.13 -7.22
N ASP C 99 -19.52 4.61 -7.25
CA ASP C 99 -19.14 3.65 -8.28
C ASP C 99 -19.87 2.36 -7.98
N VAL C 100 -20.42 1.73 -9.02
CA VAL C 100 -21.12 0.44 -8.87
C VAL C 100 -20.31 -0.64 -9.59
N PHE C 101 -20.19 -1.80 -8.94
CA PHE C 101 -19.33 -2.89 -9.40
C PHE C 101 -20.19 -4.10 -9.77
N LEU C 102 -20.02 -4.60 -10.99
CA LEU C 102 -20.66 -5.85 -11.44
C LEU C 102 -19.63 -6.97 -11.62
N GLU C 103 -19.94 -8.16 -11.14
CA GLU C 103 -19.14 -9.35 -11.45
C GLU C 103 -20.09 -10.31 -12.14
N ILE C 104 -19.90 -10.49 -13.44
CA ILE C 104 -20.86 -11.19 -14.29
C ILE C 104 -20.11 -11.98 -15.36
N GLU C 105 -20.76 -12.97 -15.98
CA GLU C 105 -20.06 -13.73 -17.01
C GLU C 105 -20.07 -12.97 -18.36
N VAL C 106 -19.45 -13.55 -19.38
CA VAL C 106 -19.15 -12.79 -20.60
C VAL C 106 -20.35 -12.39 -21.47
N GLU C 107 -21.39 -13.22 -21.50
CA GLU C 107 -22.55 -12.87 -22.31
C GLU C 107 -23.28 -11.69 -21.70
N GLY C 108 -23.41 -11.68 -20.38
CA GLY C 108 -23.94 -10.51 -19.68
C GLY C 108 -23.16 -9.23 -19.96
N ALA C 109 -21.83 -9.31 -19.91
CA ALA C 109 -20.98 -8.14 -20.16
C ALA C 109 -21.23 -7.51 -21.54
N LYS C 110 -21.52 -8.35 -22.53
CA LYS C 110 -21.86 -7.87 -23.88
C LYS C 110 -23.11 -6.99 -23.87
N GLN C 111 -24.14 -7.38 -23.11
CA GLN C 111 -25.33 -6.54 -22.97
C GLN C 111 -25.05 -5.23 -22.25
N VAL C 112 -24.24 -5.30 -21.19
CA VAL C 112 -23.87 -4.10 -20.45
C VAL C 112 -23.17 -3.09 -21.38
N ARG C 113 -22.25 -3.58 -22.21
CA ARG C 113 -21.54 -2.72 -23.17
C ARG C 113 -22.49 -1.98 -24.12
N LYS C 114 -23.54 -2.67 -24.55
CA LYS C 114 -24.55 -2.11 -25.45
C LYS C 114 -25.31 -0.94 -24.82
N LYS C 115 -25.70 -1.10 -23.57
CA LYS C 115 -26.44 -0.08 -22.82
C LYS C 115 -25.53 0.97 -22.15
N PHE C 116 -24.29 0.59 -21.84
CA PHE C 116 -23.33 1.48 -21.19
C PHE C 116 -21.99 1.45 -21.94
N PRO C 117 -21.95 2.05 -23.14
CA PRO C 117 -20.75 1.98 -24.00
C PRO C 117 -19.49 2.52 -23.34
N ASP C 118 -19.66 3.38 -22.34
CA ASP C 118 -18.54 4.06 -21.74
C ASP C 118 -18.21 3.53 -20.33
N ALA C 119 -18.83 2.40 -19.97
CA ALA C 119 -18.53 1.77 -18.69
C ALA C 119 -17.12 1.19 -18.71
N LEU C 120 -16.64 0.79 -17.54
CA LEU C 120 -15.28 0.27 -17.37
C LEU C 120 -15.28 -1.27 -17.37
N PHE C 121 -14.76 -1.85 -18.45
CA PHE C 121 -14.77 -3.30 -18.62
C PHE C 121 -13.40 -3.91 -18.40
N ILE C 122 -13.32 -4.70 -17.32
CA ILE C 122 -12.09 -5.34 -16.88
C ILE C 122 -12.24 -6.85 -17.09
N PHE C 123 -11.31 -7.40 -17.87
CA PHE C 123 -11.31 -8.84 -18.15
C PHE C 123 -10.35 -9.53 -17.18
N LEU C 124 -10.86 -10.49 -16.41
CA LEU C 124 -10.02 -11.27 -15.51
C LEU C 124 -9.53 -12.52 -16.24
N ALA C 125 -8.21 -12.63 -16.41
CA ALA C 125 -7.62 -13.71 -17.20
C ALA C 125 -6.93 -14.72 -16.29
N PRO C 126 -6.88 -15.99 -16.73
CA PRO C 126 -6.19 -17.02 -15.95
C PRO C 126 -4.68 -16.87 -16.03
N PRO C 127 -3.95 -17.31 -14.99
CA PRO C 127 -2.49 -17.21 -15.01
C PRO C 127 -1.81 -17.98 -16.16
N SER C 128 -2.60 -18.35 -17.18
CA SER C 128 -2.05 -18.69 -18.50
C SER C 128 -3.03 -18.33 -19.62
N GLN C 148 0.85 -29.78 -23.87
CA GLN C 148 1.72 -28.64 -24.13
C GLN C 148 1.30 -27.91 -25.41
N SER C 149 0.19 -28.36 -26.00
CA SER C 149 -0.39 -27.73 -27.19
C SER C 149 -1.68 -26.96 -26.83
N ARG C 150 -1.72 -26.43 -25.59
CA ARG C 150 -2.88 -25.69 -25.10
C ARG C 150 -2.88 -24.23 -25.58
N ILE C 151 -2.60 -24.08 -26.87
CA ILE C 151 -2.56 -22.80 -27.55
C ILE C 151 -3.98 -22.35 -27.90
N ASN C 152 -4.86 -23.32 -28.14
CA ASN C 152 -6.24 -23.08 -28.57
C ASN C 152 -7.09 -22.41 -27.50
N GLU C 153 -6.82 -22.73 -26.24
CA GLU C 153 -7.55 -22.14 -25.13
C GLU C 153 -7.12 -20.69 -24.93
N ALA C 154 -5.81 -20.44 -25.08
CA ALA C 154 -5.28 -19.08 -25.02
C ALA C 154 -5.88 -18.20 -26.11
N ARG C 155 -6.04 -18.76 -27.30
CA ARG C 155 -6.70 -18.07 -28.41
C ARG C 155 -8.15 -17.72 -28.11
N LYS C 156 -8.86 -18.65 -27.45
CA LYS C 156 -10.24 -18.43 -27.03
C LYS C 156 -10.32 -17.28 -26.04
N GLU C 157 -9.36 -17.25 -25.11
CA GLU C 157 -9.25 -16.20 -24.10
C GLU C 157 -9.00 -14.82 -24.74
N VAL C 158 -8.06 -14.76 -25.68
CA VAL C 158 -7.76 -13.53 -26.40
C VAL C 158 -8.95 -13.04 -27.23
N GLU C 159 -9.67 -13.97 -27.86
CA GLU C 159 -10.93 -13.62 -28.53
C GLU C 159 -11.94 -13.01 -27.55
N MET C 160 -12.04 -13.59 -26.36
CA MET C 160 -12.98 -13.17 -25.33
C MET C 160 -12.64 -11.77 -24.81
N MET C 161 -11.35 -11.47 -24.78
CA MET C 161 -10.79 -10.18 -24.35
C MET C 161 -11.15 -9.02 -25.27
N ASN C 162 -11.56 -9.35 -26.50
CA ASN C 162 -11.99 -8.37 -27.48
C ASN C 162 -12.94 -7.36 -26.87
N LEU C 163 -12.64 -6.09 -27.06
CA LEU C 163 -13.50 -4.98 -26.65
C LEU C 163 -13.56 -4.71 -25.14
N TYR C 164 -12.75 -5.42 -24.34
CA TYR C 164 -12.58 -5.03 -22.94
C TYR C 164 -11.60 -3.86 -22.85
N ASP C 165 -11.62 -3.16 -21.72
CA ASP C 165 -10.80 -1.97 -21.54
C ASP C 165 -9.45 -2.30 -20.91
N TYR C 166 -9.47 -3.22 -19.95
CA TYR C 166 -8.27 -3.67 -19.24
C TYR C 166 -8.27 -5.18 -19.13
N VAL C 167 -7.09 -5.74 -18.90
CA VAL C 167 -6.96 -7.17 -18.61
C VAL C 167 -6.10 -7.32 -17.36
N VAL C 168 -6.62 -8.07 -16.41
CA VAL C 168 -5.98 -8.30 -15.11
C VAL C 168 -5.82 -9.80 -14.93
N VAL C 169 -4.60 -10.26 -14.66
CA VAL C 169 -4.36 -11.69 -14.50
C VAL C 169 -4.65 -12.08 -13.05
N ASN C 170 -5.44 -13.14 -12.84
CA ASN C 170 -5.68 -13.64 -11.49
C ASN C 170 -4.59 -14.61 -11.09
N ASP C 171 -3.40 -14.09 -10.83
CA ASP C 171 -2.29 -14.92 -10.37
C ASP C 171 -2.43 -15.17 -8.88
N GLU C 172 -2.77 -14.11 -8.15
CA GLU C 172 -3.03 -14.15 -6.71
C GLU C 172 -4.14 -13.14 -6.47
N VAL C 173 -5.09 -13.51 -5.60
CA VAL C 173 -6.31 -12.72 -5.43
C VAL C 173 -5.98 -11.28 -5.03
N GLU C 174 -5.06 -11.13 -4.07
CA GLU C 174 -4.65 -9.81 -3.58
C GLU C 174 -4.05 -8.94 -4.68
N LEU C 175 -3.27 -9.54 -5.57
CA LEU C 175 -2.59 -8.81 -6.64
C LEU C 175 -3.60 -8.36 -7.68
N ALA C 176 -4.55 -9.23 -8.02
CA ALA C 176 -5.65 -8.89 -8.94
C ALA C 176 -6.52 -7.78 -8.36
N LYS C 177 -6.86 -7.88 -7.07
CA LYS C 177 -7.62 -6.82 -6.40
C LYS C 177 -6.91 -5.47 -6.47
N ASN C 178 -5.61 -5.45 -6.17
CA ASN C 178 -4.86 -4.20 -6.20
C ASN C 178 -4.78 -3.57 -7.59
N ARG C 179 -4.61 -4.40 -8.63
CA ARG C 179 -4.58 -3.93 -10.01
C ARG C 179 -5.92 -3.31 -10.40
N ILE C 180 -7.01 -3.99 -10.05
CA ILE C 180 -8.36 -3.44 -10.25
C ILE C 180 -8.54 -2.07 -9.57
N GLN C 181 -8.08 -1.96 -8.32
CA GLN C 181 -8.05 -0.67 -7.61
C GLN C 181 -7.24 0.42 -8.33
N CYS C 182 -6.06 0.10 -8.86
CA CYS C 182 -5.27 1.13 -9.57
C CYS C 182 -5.99 1.53 -10.87
N ILE C 183 -6.66 0.58 -11.53
CA ILE C 183 -7.49 0.86 -12.72
C ILE C 183 -8.63 1.87 -12.45
N VAL C 184 -9.40 1.62 -11.38
CA VAL C 184 -10.50 2.50 -11.03
C VAL C 184 -9.99 3.88 -10.61
N GLU C 185 -8.90 3.89 -9.82
CA GLU C 185 -8.29 5.18 -9.45
C GLU C 185 -7.77 5.96 -10.66
N ALA C 186 -7.13 5.28 -11.61
CA ALA C 186 -6.70 5.94 -12.86
C ALA C 186 -7.88 6.51 -13.62
N GLU C 187 -8.95 5.73 -13.74
CA GLU C 187 -10.16 6.21 -14.42
C GLU C 187 -10.72 7.51 -13.81
N HIS C 188 -10.66 7.63 -12.49
CA HIS C 188 -11.06 8.87 -11.81
C HIS C 188 -10.09 10.03 -12.06
N LEU C 189 -8.88 9.71 -12.52
CA LEU C 189 -7.88 10.76 -12.80
C LEU C 189 -7.81 11.18 -14.27
N LYS C 190 -8.66 10.56 -15.10
CA LYS C 190 -8.73 10.89 -16.53
C LYS C 190 -9.07 12.35 -16.73
N ARG C 191 -8.41 12.97 -17.71
CA ARG C 191 -8.56 14.40 -17.94
C ARG C 191 -10.01 14.81 -18.22
N GLU C 192 -10.73 14.03 -19.03
CA GLU C 192 -12.12 14.37 -19.39
C GLU C 192 -13.02 14.43 -18.16
N ARG C 193 -12.83 13.48 -17.24
CA ARG C 193 -13.57 13.45 -15.99
C ARG C 193 -13.15 14.61 -15.08
N VAL C 194 -11.85 14.85 -14.99
CA VAL C 194 -11.29 15.93 -14.16
C VAL C 194 -11.53 17.33 -14.76
N GLU C 195 -11.52 17.42 -16.08
CA GLU C 195 -11.80 18.69 -16.77
C GLU C 195 -13.24 19.13 -16.50
N ALA C 196 -14.16 18.17 -16.49
CA ALA C 196 -15.57 18.40 -16.20
C ALA C 196 -15.76 19.02 -14.82
N LYS C 197 -15.29 18.33 -13.77
CA LYS C 197 -15.40 18.83 -12.40
C LYS C 197 -14.66 20.15 -12.23
N LYS D 5 7.82 -2.82 -26.33
CA LYS D 5 8.28 -1.43 -25.99
C LYS D 5 7.82 -0.95 -24.62
N GLY D 6 8.71 -0.28 -23.90
CA GLY D 6 8.32 0.37 -22.65
C GLY D 6 7.43 1.56 -22.96
N LEU D 7 6.70 2.02 -21.95
CA LEU D 7 5.86 3.19 -22.10
C LEU D 7 6.69 4.46 -22.06
N LEU D 8 6.22 5.50 -22.75
CA LEU D 8 6.77 6.85 -22.54
C LEU D 8 5.81 7.62 -21.64
N ILE D 9 6.29 7.98 -20.46
CA ILE D 9 5.50 8.64 -19.42
C ILE D 9 5.95 10.10 -19.35
N VAL D 10 5.02 11.01 -19.56
CA VAL D 10 5.36 12.45 -19.60
C VAL D 10 4.64 13.19 -18.48
N LEU D 11 5.40 13.69 -17.51
CA LEU D 11 4.83 14.50 -16.48
C LEU D 11 5.14 15.95 -16.80
N SER D 12 4.09 16.77 -16.97
CA SER D 12 4.28 18.21 -17.12
C SER D 12 3.25 18.95 -16.26
N GLY D 13 3.13 20.26 -16.45
CA GLY D 13 2.23 21.09 -15.66
C GLY D 13 2.78 22.50 -15.52
N PRO D 14 1.99 23.41 -14.89
CA PRO D 14 2.40 24.82 -14.81
C PRO D 14 3.70 25.05 -14.02
N SER D 15 4.35 26.19 -14.28
CA SER D 15 5.55 26.58 -13.56
C SER D 15 5.33 26.57 -12.05
N GLY D 16 6.30 26.05 -11.31
CA GLY D 16 6.24 26.05 -9.84
C GLY D 16 5.23 25.09 -9.22
N VAL D 17 4.66 24.19 -10.01
CA VAL D 17 3.64 23.25 -9.49
C VAL D 17 4.27 22.13 -8.67
N GLY D 18 5.55 21.87 -8.92
CA GLY D 18 6.30 20.86 -8.15
C GLY D 18 6.58 19.58 -8.91
N LYS D 19 6.70 19.67 -10.23
CA LYS D 19 7.07 18.52 -11.09
C LYS D 19 8.38 17.88 -10.65
N GLY D 20 9.39 18.71 -10.42
CA GLY D 20 10.70 18.23 -10.00
C GLY D 20 10.63 17.47 -8.69
N THR D 21 9.92 18.04 -7.72
CA THR D 21 9.76 17.45 -6.38
C THR D 21 9.05 16.08 -6.46
N VAL D 22 8.01 16.02 -7.29
CA VAL D 22 7.26 14.78 -7.44
C VAL D 22 8.08 13.71 -8.16
N ARG D 23 8.72 14.09 -9.27
CA ARG D 23 9.61 13.19 -10.00
C ARG D 23 10.72 12.66 -9.11
N LYS D 24 11.35 13.54 -8.34
CA LYS D 24 12.37 13.14 -7.40
C LYS D 24 11.87 12.10 -6.37
N ARG D 25 10.66 12.31 -5.86
CA ARG D 25 10.07 11.33 -4.94
C ARG D 25 9.82 9.99 -5.63
N ILE D 26 9.28 10.04 -6.85
CA ILE D 26 9.03 8.84 -7.65
C ILE D 26 10.30 8.00 -7.77
N PHE D 27 11.42 8.64 -8.10
CA PHE D 27 12.66 7.91 -8.29
C PHE D 27 13.46 7.56 -7.03
N GLU D 28 13.03 8.10 -5.88
CA GLU D 28 13.57 7.67 -4.58
C GLU D 28 12.91 6.38 -4.06
N ASP D 29 11.79 5.99 -4.66
CA ASP D 29 11.06 4.79 -4.28
C ASP D 29 11.71 3.61 -4.99
N PRO D 30 12.29 2.66 -4.23
CA PRO D 30 13.02 1.56 -4.89
C PRO D 30 12.14 0.59 -5.70
N SER D 31 10.83 0.72 -5.54
CA SER D 31 9.87 -0.09 -6.30
C SER D 31 9.55 0.53 -7.65
N THR D 32 9.91 1.79 -7.83
CA THR D 32 9.76 2.41 -9.15
C THR D 32 10.59 1.65 -10.19
N SER D 33 9.94 1.18 -11.25
CA SER D 33 10.65 0.44 -12.31
C SER D 33 10.96 1.28 -13.57
N TYR D 34 10.42 2.49 -13.65
CA TYR D 34 10.67 3.36 -14.81
C TYR D 34 12.12 3.81 -14.82
N LYS D 35 12.58 4.25 -15.98
CA LYS D 35 13.92 4.82 -16.14
C LYS D 35 13.76 6.31 -16.38
N TYR D 36 14.53 7.11 -15.64
CA TYR D 36 14.42 8.55 -15.78
C TYR D 36 15.28 9.11 -16.92
N SER D 37 14.66 9.87 -17.81
CA SER D 37 15.38 10.63 -18.84
C SER D 37 16.08 11.85 -18.20
N ILE D 38 17.40 11.78 -18.09
CA ILE D 38 18.18 12.93 -17.63
C ILE D 38 18.27 13.95 -18.77
N SER D 39 17.76 15.13 -18.50
CA SER D 39 17.60 16.16 -19.53
C SER D 39 18.94 16.89 -19.73
N MET D 40 19.09 17.53 -20.87
CA MET D 40 20.18 18.49 -21.07
C MET D 40 19.67 19.85 -20.71
N THR D 41 20.55 20.69 -20.20
CA THR D 41 20.24 22.10 -20.04
C THR D 41 21.49 22.95 -20.28
N THR D 42 21.28 24.21 -20.67
CA THR D 42 22.37 25.18 -20.76
C THR D 42 22.43 26.13 -19.55
N ARG D 43 21.50 25.99 -18.59
CA ARG D 43 21.58 26.81 -17.39
C ARG D 43 22.79 26.39 -16.58
N GLN D 44 23.28 27.29 -15.74
CA GLN D 44 24.42 27.03 -14.89
C GLN D 44 24.12 25.98 -13.83
N MET D 45 25.07 25.09 -13.60
CA MET D 45 24.96 24.09 -12.55
C MET D 45 24.93 24.81 -11.21
N ARG D 46 24.13 24.32 -10.27
CA ARG D 46 23.94 24.97 -8.96
C ARG D 46 24.56 24.16 -7.81
N GLU D 47 24.61 24.77 -6.63
CA GLU D 47 25.10 24.10 -5.42
C GLU D 47 24.43 22.74 -5.27
N GLY D 48 25.26 21.68 -5.15
CA GLY D 48 24.77 20.33 -4.86
C GLY D 48 24.38 19.49 -6.05
N GLU D 49 24.31 20.12 -7.23
CA GLU D 49 24.01 19.41 -8.46
C GLU D 49 25.25 18.77 -9.04
N VAL D 50 25.04 17.71 -9.83
CA VAL D 50 26.11 16.94 -10.44
C VAL D 50 25.82 16.72 -11.93
N ASP D 51 26.78 17.06 -12.77
CA ASP D 51 26.71 16.84 -14.22
C ASP D 51 26.60 15.35 -14.47
N GLY D 52 25.57 14.95 -15.21
CA GLY D 52 25.28 13.54 -15.48
C GLY D 52 24.35 12.87 -14.50
N VAL D 53 23.92 13.63 -13.48
CA VAL D 53 22.93 13.15 -12.51
C VAL D 53 21.66 14.00 -12.60
N ASP D 54 21.75 15.27 -12.19
CA ASP D 54 20.63 16.20 -12.22
C ASP D 54 20.26 16.59 -13.66
N TYR D 55 21.30 16.95 -14.43
CA TYR D 55 21.21 17.29 -15.85
C TYR D 55 22.52 16.90 -16.51
N PHE D 56 22.50 16.78 -17.83
CA PHE D 56 23.71 16.94 -18.61
C PHE D 56 23.80 18.44 -18.93
N PHE D 57 24.76 19.09 -18.31
CA PHE D 57 24.95 20.52 -18.51
C PHE D 57 25.79 20.74 -19.76
N LYS D 58 25.28 21.61 -20.63
CA LYS D 58 25.82 21.82 -21.97
C LYS D 58 26.10 23.30 -22.24
N THR D 59 27.11 23.60 -23.07
CA THR D 59 27.26 24.97 -23.56
C THR D 59 26.08 25.30 -24.51
N ARG D 60 25.77 26.58 -24.71
CA ARG D 60 24.72 26.92 -25.70
C ARG D 60 25.11 26.39 -27.06
N ASP D 61 26.40 26.51 -27.43
CA ASP D 61 26.85 26.04 -28.75
C ASP D 61 26.58 24.53 -28.92
N ALA D 62 26.91 23.76 -27.88
CA ALA D 62 26.72 22.29 -27.93
C ALA D 62 25.25 21.92 -28.03
N PHE D 63 24.41 22.60 -27.23
CA PHE D 63 22.98 22.37 -27.25
C PHE D 63 22.43 22.70 -28.64
N GLU D 64 22.86 23.82 -29.22
CA GLU D 64 22.41 24.21 -30.54
C GLU D 64 22.90 23.31 -31.66
N ALA D 65 24.10 22.76 -31.51
CA ALA D 65 24.61 21.76 -32.46
C ALA D 65 23.74 20.51 -32.42
N LEU D 66 23.24 20.16 -31.23
CA LEU D 66 22.39 19.00 -31.04
C LEU D 66 20.98 19.23 -31.61
N ILE D 67 20.47 20.46 -31.48
CA ILE D 67 19.21 20.83 -32.15
C ILE D 67 19.34 20.67 -33.68
N LYS D 68 20.43 21.19 -34.23
CA LYS D 68 20.67 21.06 -35.67
C LYS D 68 20.81 19.62 -36.11
N ASP D 69 21.42 18.80 -35.26
CA ASP D 69 21.56 17.36 -35.53
C ASP D 69 20.31 16.53 -35.20
N ASP D 70 19.21 17.20 -34.85
CA ASP D 70 17.90 16.57 -34.58
C ASP D 70 18.00 15.51 -33.46
N GLN D 71 18.72 15.88 -32.40
CA GLN D 71 18.98 14.95 -31.31
C GLN D 71 18.09 15.17 -30.10
N PHE D 72 17.03 15.96 -30.27
CA PHE D 72 16.06 16.18 -29.19
C PHE D 72 14.65 15.73 -29.58
N ILE D 73 14.03 14.92 -28.71
CA ILE D 73 12.60 14.64 -28.87
C ILE D 73 11.84 15.94 -28.70
N GLU D 74 12.39 16.76 -27.81
CA GLU D 74 11.71 17.87 -27.23
C GLU D 74 12.80 18.86 -26.78
N TYR D 75 12.66 20.15 -27.07
CA TYR D 75 13.44 21.17 -26.36
C TYR D 75 12.69 22.49 -26.23
N ALA D 76 13.03 23.25 -25.20
CA ALA D 76 12.36 24.53 -24.95
C ALA D 76 13.32 25.49 -24.29
N GLU D 77 12.94 26.76 -24.24
CA GLU D 77 13.67 27.75 -23.45
C GLU D 77 12.86 28.12 -22.22
N TYR D 78 13.54 28.22 -21.09
CA TYR D 78 12.86 28.54 -19.83
C TYR D 78 13.75 29.50 -19.06
N VAL D 79 13.23 30.70 -18.79
CA VAL D 79 13.98 31.80 -18.19
C VAL D 79 15.39 31.91 -18.76
N GLY D 80 15.46 31.94 -20.08
CA GLY D 80 16.71 32.31 -20.77
C GLY D 80 17.64 31.17 -21.14
N ASN D 81 17.26 29.93 -20.81
CA ASN D 81 18.14 28.77 -21.01
C ASN D 81 17.42 27.67 -21.70
N TYR D 82 18.17 26.85 -22.44
CA TYR D 82 17.58 25.67 -23.10
C TYR D 82 17.46 24.48 -22.16
N TYR D 83 16.43 23.68 -22.35
CA TYR D 83 16.24 22.40 -21.65
C TYR D 83 15.72 21.46 -22.72
N GLY D 84 16.12 20.20 -22.65
CA GLY D 84 15.63 19.27 -23.64
C GLY D 84 15.90 17.82 -23.37
N THR D 85 15.13 16.97 -24.08
CA THR D 85 15.14 15.52 -23.93
C THR D 85 15.95 14.85 -25.04
N PRO D 86 17.15 14.33 -24.71
CA PRO D 86 17.96 13.62 -25.70
C PRO D 86 17.22 12.40 -26.26
N VAL D 87 17.32 12.19 -27.57
CA VAL D 87 16.47 11.19 -28.21
C VAL D 87 16.98 9.76 -28.02
N GLN D 88 18.32 9.57 -28.04
CA GLN D 88 18.86 8.20 -28.11
C GLN D 88 18.52 7.41 -26.85
N TYR D 89 18.70 8.04 -25.70
CA TYR D 89 18.42 7.39 -24.43
C TYR D 89 16.98 6.88 -24.40
N VAL D 90 16.07 7.75 -24.84
CA VAL D 90 14.64 7.43 -24.76
C VAL D 90 14.34 6.26 -25.70
N LYS D 91 14.76 6.39 -26.95
CA LYS D 91 14.55 5.33 -27.94
C LYS D 91 15.15 3.99 -27.51
N ASP D 92 16.42 4.00 -27.11
CA ASP D 92 17.12 2.76 -26.72
C ASP D 92 16.49 2.09 -25.49
N THR D 93 16.14 2.91 -24.49
CA THR D 93 15.56 2.39 -23.25
C THR D 93 14.15 1.81 -23.47
N MET D 94 13.33 2.48 -24.26
CA MET D 94 12.00 1.96 -24.62
C MET D 94 12.13 0.66 -25.43
N ASP D 95 13.10 0.61 -26.34
CA ASP D 95 13.36 -0.59 -27.16
C ASP D 95 13.81 -1.78 -26.31
N GLU D 96 14.46 -1.49 -25.19
CA GLU D 96 14.87 -2.52 -24.24
C GLU D 96 13.70 -3.01 -23.39
N GLY D 97 12.54 -2.36 -23.54
CA GLY D 97 11.33 -2.79 -22.82
C GLY D 97 11.04 -2.03 -21.54
N HIS D 98 11.84 -1.01 -21.24
CA HIS D 98 11.72 -0.25 -20.00
C HIS D 98 10.88 1.01 -20.23
N ASP D 99 10.04 1.37 -19.25
CA ASP D 99 9.29 2.61 -19.34
C ASP D 99 10.27 3.76 -19.15
N VAL D 100 10.09 4.84 -19.90
CA VAL D 100 10.92 6.04 -19.72
C VAL D 100 10.07 7.19 -19.22
N PHE D 101 10.57 7.91 -18.23
CA PHE D 101 9.86 8.99 -17.57
C PHE D 101 10.48 10.34 -17.93
N LEU D 102 9.66 11.25 -18.45
CA LEU D 102 10.08 12.64 -18.66
C LEU D 102 9.38 13.58 -17.70
N GLU D 103 10.13 14.53 -17.16
CA GLU D 103 9.59 15.60 -16.35
C GLU D 103 10.04 16.89 -17.03
N ILE D 104 9.09 17.58 -17.66
CA ILE D 104 9.43 18.68 -18.58
C ILE D 104 8.35 19.73 -18.50
N GLU D 105 8.67 20.94 -18.94
CA GLU D 105 7.64 21.98 -18.93
C GLU D 105 6.64 21.87 -20.12
N VAL D 106 5.61 22.71 -20.12
CA VAL D 106 4.44 22.53 -20.99
C VAL D 106 4.69 22.68 -22.48
N GLU D 107 5.64 23.53 -22.87
CA GLU D 107 5.91 23.68 -24.31
C GLU D 107 6.59 22.45 -24.86
N GLY D 108 7.56 21.93 -24.11
CA GLY D 108 8.24 20.72 -24.51
C GLY D 108 7.27 19.54 -24.60
N ALA D 109 6.33 19.45 -23.66
CA ALA D 109 5.29 18.39 -23.70
C ALA D 109 4.52 18.38 -25.03
N LYS D 110 4.21 19.57 -25.54
CA LYS D 110 3.50 19.70 -26.81
C LYS D 110 4.25 19.05 -27.97
N GLN D 111 5.57 19.22 -28.01
CA GLN D 111 6.42 18.57 -29.01
C GLN D 111 6.42 17.05 -28.87
N VAL D 112 6.38 16.58 -27.63
CA VAL D 112 6.38 15.15 -27.38
C VAL D 112 5.07 14.53 -27.91
N ARG D 113 3.95 15.21 -27.66
CA ARG D 113 2.63 14.74 -28.13
C ARG D 113 2.62 14.56 -29.64
N LYS D 114 3.24 15.51 -30.37
CA LYS D 114 3.31 15.46 -31.82
C LYS D 114 4.07 14.23 -32.32
N LYS D 115 5.15 13.90 -31.63
CA LYS D 115 6.02 12.82 -32.05
C LYS D 115 5.54 11.47 -31.55
N PHE D 116 4.95 11.50 -30.35
CA PHE D 116 4.40 10.31 -29.68
C PHE D 116 2.91 10.53 -29.28
N PRO D 117 1.99 10.48 -30.27
CA PRO D 117 0.59 10.76 -29.95
C PRO D 117 -0.06 9.76 -28.98
N ASP D 118 0.57 8.61 -28.77
CA ASP D 118 -0.01 7.57 -27.90
C ASP D 118 0.76 7.38 -26.60
N ALA D 119 1.75 8.23 -26.35
CA ALA D 119 2.44 8.24 -25.07
C ALA D 119 1.49 8.66 -23.95
N LEU D 120 1.96 8.53 -22.72
CA LEU D 120 1.17 8.78 -21.51
C LEU D 120 1.44 10.18 -20.95
N PHE D 121 0.45 11.07 -21.04
CA PHE D 121 0.62 12.46 -20.62
C PHE D 121 -0.16 12.77 -19.35
N ILE D 122 0.59 13.10 -18.31
CA ILE D 122 0.03 13.39 -16.99
C ILE D 122 0.27 14.87 -16.67
N PHE D 123 -0.82 15.56 -16.38
CA PHE D 123 -0.76 16.98 -15.99
C PHE D 123 -0.78 17.10 -14.46
N LEU D 124 0.29 17.64 -13.92
CA LEU D 124 0.36 17.92 -12.48
C LEU D 124 -0.22 19.30 -12.24
N ALA D 125 -1.30 19.33 -11.47
CA ALA D 125 -2.04 20.56 -11.20
C ALA D 125 -1.82 21.08 -9.78
N PRO D 126 -1.91 22.41 -9.60
CA PRO D 126 -1.77 22.96 -8.27
C PRO D 126 -3.02 22.67 -7.46
N PRO D 127 -2.90 22.61 -6.12
CA PRO D 127 -4.07 22.36 -5.27
C PRO D 127 -5.06 23.54 -5.22
N SER D 128 -4.69 24.67 -5.81
CA SER D 128 -5.53 25.85 -5.89
C SER D 128 -6.76 25.60 -6.77
N GLU D 153 -11.34 33.25 -11.92
CA GLU D 153 -10.85 33.07 -13.29
C GLU D 153 -9.76 32.01 -13.38
N ALA D 154 -8.64 32.35 -14.03
CA ALA D 154 -7.53 31.43 -14.28
C ALA D 154 -7.99 30.09 -14.89
N ARG D 155 -8.78 30.18 -15.95
CA ARG D 155 -9.26 29.02 -16.70
C ARG D 155 -8.18 28.52 -17.67
N LYS D 156 -7.07 29.25 -17.73
CA LYS D 156 -5.93 28.92 -18.59
C LYS D 156 -5.30 27.60 -18.16
N GLU D 157 -5.41 27.29 -16.87
CA GLU D 157 -4.90 26.04 -16.31
C GLU D 157 -5.73 24.86 -16.81
N VAL D 158 -7.01 25.10 -17.08
CA VAL D 158 -7.89 24.09 -17.66
C VAL D 158 -7.67 23.95 -19.18
N GLU D 159 -7.33 25.05 -19.84
CA GLU D 159 -6.93 25.00 -21.25
C GLU D 159 -5.57 24.30 -21.41
N MET D 160 -4.70 24.50 -20.43
CA MET D 160 -3.38 23.87 -20.40
C MET D 160 -3.51 22.35 -20.32
N MET D 161 -4.54 21.89 -19.61
CA MET D 161 -4.86 20.49 -19.35
C MET D 161 -5.41 19.77 -20.57
N ASN D 162 -5.99 20.54 -21.49
CA ASN D 162 -6.93 20.01 -22.48
C ASN D 162 -6.50 18.76 -23.23
N LEU D 163 -5.23 18.65 -23.58
CA LEU D 163 -4.80 17.51 -24.39
C LEU D 163 -4.00 16.48 -23.59
N TYR D 164 -4.01 16.63 -22.26
CA TYR D 164 -3.40 15.62 -21.41
C TYR D 164 -4.36 14.43 -21.22
N ASP D 165 -3.81 13.29 -20.77
CA ASP D 165 -4.59 12.06 -20.64
C ASP D 165 -5.14 11.97 -19.22
N TYR D 166 -4.35 12.45 -18.27
CA TYR D 166 -4.68 12.38 -16.83
C TYR D 166 -4.29 13.65 -16.12
N VAL D 167 -5.00 13.92 -15.03
CA VAL D 167 -4.69 15.06 -14.20
C VAL D 167 -4.50 14.63 -12.75
N VAL D 168 -3.36 15.02 -12.19
CA VAL D 168 -2.97 14.70 -10.82
C VAL D 168 -2.74 16.01 -10.08
N VAL D 169 -3.45 16.21 -8.96
CA VAL D 169 -3.22 17.37 -8.11
C VAL D 169 -2.01 17.14 -7.20
N ASN D 170 -1.10 18.12 -7.15
CA ASN D 170 -0.01 18.09 -6.19
C ASN D 170 -0.44 18.71 -4.86
N ASP D 171 -1.39 18.04 -4.20
CA ASP D 171 -1.80 18.42 -2.85
C ASP D 171 -0.71 18.06 -1.84
N GLU D 172 -0.24 16.81 -1.90
CA GLU D 172 0.89 16.32 -1.11
C GLU D 172 1.76 15.45 -1.99
N VAL D 173 3.08 15.55 -1.83
CA VAL D 173 4.01 14.89 -2.74
C VAL D 173 3.81 13.37 -2.78
N GLU D 174 3.63 12.78 -1.60
CA GLU D 174 3.43 11.32 -1.51
C GLU D 174 2.14 10.87 -2.23
N LEU D 175 1.08 11.66 -2.10
CA LEU D 175 -0.21 11.38 -2.73
C LEU D 175 -0.17 11.49 -4.25
N ALA D 176 0.50 12.54 -4.74
CA ALA D 176 0.76 12.71 -6.19
C ALA D 176 1.56 11.55 -6.80
N LYS D 177 2.61 11.12 -6.10
CA LYS D 177 3.44 10.00 -6.52
C LYS D 177 2.59 8.74 -6.66
N ASN D 178 1.78 8.48 -5.65
CA ASN D 178 0.96 7.28 -5.64
C ASN D 178 -0.05 7.24 -6.77
N ARG D 179 -0.67 8.39 -7.05
CA ARG D 179 -1.61 8.54 -8.17
C ARG D 179 -0.94 8.24 -9.52
N ILE D 180 0.25 8.80 -9.71
CA ILE D 180 1.03 8.59 -10.95
C ILE D 180 1.34 7.10 -11.11
N GLN D 181 1.71 6.46 -10.01
CA GLN D 181 1.99 5.03 -10.03
C GLN D 181 0.77 4.19 -10.44
N CYS D 182 -0.42 4.56 -9.96
CA CYS D 182 -1.62 3.81 -10.36
C CYS D 182 -1.93 4.04 -11.83
N ILE D 183 -1.73 5.28 -12.30
CA ILE D 183 -1.96 5.61 -13.69
C ILE D 183 -1.08 4.75 -14.59
N VAL D 184 0.21 4.65 -14.26
CA VAL D 184 1.15 3.88 -15.07
C VAL D 184 0.81 2.39 -14.99
N GLU D 185 0.46 1.91 -13.80
CA GLU D 185 0.07 0.50 -13.61
C GLU D 185 -1.14 0.17 -14.48
N ALA D 186 -2.12 1.07 -14.49
CA ALA D 186 -3.33 0.89 -15.30
C ALA D 186 -3.01 0.88 -16.80
N GLU D 187 -2.09 1.74 -17.22
CA GLU D 187 -1.69 1.79 -18.62
C GLU D 187 -1.07 0.47 -19.06
N HIS D 188 -0.34 -0.19 -18.17
CA HIS D 188 0.19 -1.53 -18.43
C HIS D 188 -0.87 -2.61 -18.55
N LEU D 189 -2.02 -2.38 -17.90
CA LEU D 189 -3.12 -3.32 -17.91
C LEU D 189 -4.14 -3.08 -19.02
N LYS D 190 -3.94 -2.04 -19.81
CA LYS D 190 -4.83 -1.75 -20.93
C LYS D 190 -4.92 -2.92 -21.89
N ARG D 191 -6.14 -3.26 -22.28
CA ARG D 191 -6.40 -4.43 -23.12
C ARG D 191 -5.63 -4.40 -24.45
N GLU D 192 -5.58 -3.25 -25.10
CA GLU D 192 -4.85 -3.12 -26.38
C GLU D 192 -3.42 -3.63 -26.26
N ARG D 193 -2.72 -3.16 -25.23
CA ARG D 193 -1.36 -3.58 -24.91
C ARG D 193 -1.29 -5.08 -24.53
N VAL D 194 -2.17 -5.51 -23.62
CA VAL D 194 -2.16 -6.88 -23.13
C VAL D 194 -2.52 -7.86 -24.24
N GLU D 195 -3.56 -7.53 -25.00
CA GLU D 195 -4.01 -8.32 -26.16
C GLU D 195 -2.89 -8.54 -27.18
N ALA D 196 -2.17 -7.47 -27.49
CA ALA D 196 -1.05 -7.56 -28.43
C ALA D 196 -0.01 -8.58 -27.96
N LYS D 197 0.29 -8.54 -26.66
CA LYS D 197 1.25 -9.48 -26.04
C LYS D 197 0.84 -10.96 -26.22
N TYR D 198 -0.42 -11.26 -25.94
CA TYR D 198 -0.87 -12.64 -26.03
C TYR D 198 -1.00 -13.13 -27.47
N ARG D 199 -1.39 -12.26 -28.39
CA ARG D 199 -1.48 -12.68 -29.79
C ARG D 199 -0.11 -12.82 -30.45
N LYS D 200 0.85 -11.97 -30.05
CA LYS D 200 2.25 -12.16 -30.42
C LYS D 200 2.75 -13.53 -29.95
N MET D 201 2.45 -13.85 -28.69
CA MET D 201 2.82 -15.12 -28.07
C MET D 201 2.30 -16.35 -28.83
N ILE D 202 1.02 -16.36 -29.21
CA ILE D 202 0.49 -17.52 -29.93
C ILE D 202 0.99 -17.63 -31.38
N LEU D 203 1.32 -16.49 -31.98
CA LEU D 203 1.90 -16.47 -33.34
C LEU D 203 3.34 -16.98 -33.35
N GLU D 204 4.04 -16.78 -32.24
CA GLU D 204 5.41 -17.27 -32.06
C GLU D 204 5.45 -18.77 -31.77
N ALA D 205 4.36 -19.29 -31.20
CA ALA D 205 4.28 -20.70 -30.85
C ALA D 205 3.55 -21.54 -31.90
N LYS D 206 3.04 -20.86 -32.93
CA LYS D 206 2.26 -21.52 -34.00
C LYS D 206 3.14 -22.36 -34.94
#